data_4RHU
#
_entry.id   4RHU
#
_cell.length_a   94.691
_cell.length_b   94.691
_cell.length_c   335.519
_cell.angle_alpha   90.00
_cell.angle_beta   90.00
_cell.angle_gamma   120.00
#
_symmetry.space_group_name_H-M   'P 65'
#
loop_
_entity.id
_entity.type
_entity.pdbx_description
1 polymer 'Hypoxanthine-guanine phosphoribosyltransferase Hpt'
2 non-polymer '{[(2R)-3-(2-amino-6-oxo-1,6-dihydro-9H-purin-9-yl)propane-1,2-diyl]bis(oxyethane-2,1-diyl)}bis(phosphonic acid)'
3 non-polymer 'MAGNESIUM ION'
4 non-polymer '{[(2S)-3-(2-amino-6-oxo-1,6-dihydro-9H-purin-9-yl)propane-1,2-diyl]bis(oxyethane-2,1-diyl)}bis(phosphonic acid)'
5 water water
#
_entity_poly.entity_id   1
_entity_poly.type   'polypeptide(L)'
_entity_poly.pdbx_seq_one_letter_code
;HVTQSSSAITPGQTAELYPGDIKSVLLTAEQIQARIAELGEQIGNDYRELSATTGQDLLLITVLKGAVLFVTDLARAIPV
PTQFEFMAVSSYGSSTSSSGVVRILKDLDRDIHGRDVLIVEDVVDSGLTLSWLSRNLTSRNPRSLRVCTLLRKPDAVHAN
VEIAYVGFDIPNDFVVGYGLDYDERYRDLSYIGTLDPRVYQ
;
_entity_poly.pdbx_strand_id   A,B,C,D,E,F
#
loop_
_chem_comp.id
_chem_comp.type
_chem_comp.name
_chem_comp.formula
3QE non-polymer '{[(2R)-3-(2-amino-6-oxo-1,6-dihydro-9H-purin-9-yl)propane-1,2-diyl]bis(oxyethane-2,1-diyl)}bis(phosphonic acid)' 'C12 H21 N5 O9 P2'
45T non-polymer '{[(2S)-3-(2-amino-6-oxo-1,6-dihydro-9H-purin-9-yl)propane-1,2-diyl]bis(oxyethane-2,1-diyl)}bis(phosphonic acid)' 'C12 H21 N5 O9 P2'
MG non-polymer 'MAGNESIUM ION' 'Mg 2'
#
# COMPACT_ATOMS: atom_id res chain seq x y z
N GLN A 13 18.66 27.12 12.58
CA GLN A 13 18.85 26.19 11.47
C GLN A 13 20.29 26.23 10.95
N THR A 14 20.63 25.27 10.11
CA THR A 14 21.95 25.22 9.48
C THR A 14 21.83 24.87 8.00
N ALA A 15 22.97 24.66 7.36
CA ALA A 15 23.01 24.29 5.95
C ALA A 15 22.83 22.79 5.77
N GLU A 16 23.01 22.05 6.86
CA GLU A 16 22.86 20.60 6.86
C GLU A 16 21.41 20.21 6.58
N LEU A 17 21.22 19.25 5.68
CA LEU A 17 19.88 18.82 5.30
C LEU A 17 19.22 17.98 6.39
N TYR A 18 19.97 17.03 6.93
CA TYR A 18 19.46 16.13 7.95
C TYR A 18 20.32 16.16 9.21
N PRO A 19 20.18 17.22 10.02
CA PRO A 19 21.00 17.39 11.22
C PRO A 19 20.77 16.30 12.26
N GLY A 20 21.84 15.63 12.66
CA GLY A 20 21.77 14.64 13.71
C GLY A 20 21.49 13.22 13.23
N ASP A 21 21.23 13.05 11.94
CA ASP A 21 20.87 11.74 11.41
C ASP A 21 22.08 10.96 10.90
N ILE A 22 23.15 11.67 10.55
CA ILE A 22 24.35 11.02 10.05
C ILE A 22 25.36 10.77 11.17
N LYS A 23 25.62 9.49 11.44
CA LYS A 23 26.57 9.10 12.48
C LYS A 23 28.00 9.46 12.08
N SER A 24 28.40 9.05 10.88
CA SER A 24 29.74 9.30 10.38
C SER A 24 29.77 9.28 8.86
N VAL A 25 30.44 10.26 8.27
CA VAL A 25 30.58 10.32 6.82
C VAL A 25 31.61 9.30 6.33
N LEU A 26 31.14 8.34 5.54
CA LEU A 26 32.03 7.29 5.02
C LEU A 26 32.81 7.77 3.82
N LEU A 27 32.12 8.45 2.90
CA LEU A 27 32.74 9.00 1.71
C LEU A 27 32.23 10.40 1.44
N THR A 28 33.12 11.31 1.08
CA THR A 28 32.74 12.68 0.81
C THR A 28 32.39 12.86 -0.66
N ALA A 29 31.79 14.00 -1.00
CA ALA A 29 31.39 14.29 -2.37
C ALA A 29 32.57 14.26 -3.33
N GLU A 30 33.65 14.93 -2.97
CA GLU A 30 34.84 15.01 -3.82
C GLU A 30 35.52 13.66 -3.95
N GLN A 31 35.56 12.89 -2.86
CA GLN A 31 36.14 11.56 -2.89
C GLN A 31 35.34 10.64 -3.82
N ILE A 32 34.02 10.81 -3.84
CA ILE A 32 33.15 10.02 -4.69
C ILE A 32 33.35 10.37 -6.17
N GLN A 33 33.36 11.66 -6.47
CA GLN A 33 33.53 12.11 -7.85
C GLN A 33 34.92 11.80 -8.39
N ALA A 34 35.88 11.64 -7.50
CA ALA A 34 37.25 11.31 -7.89
C ALA A 34 37.37 9.86 -8.33
N ARG A 35 36.71 8.98 -7.59
CA ARG A 35 36.71 7.55 -7.92
C ARG A 35 35.96 7.29 -9.22
N ILE A 36 34.84 7.99 -9.40
CA ILE A 36 34.01 7.85 -10.60
C ILE A 36 34.79 8.29 -11.84
N ALA A 37 35.56 9.35 -11.69
CA ALA A 37 36.43 9.83 -12.76
C ALA A 37 37.44 8.77 -13.15
N GLU A 38 37.98 8.08 -12.14
CA GLU A 38 38.91 6.98 -12.37
C GLU A 38 38.22 5.81 -13.05
N LEU A 39 37.05 5.43 -12.53
CA LEU A 39 36.26 4.34 -13.10
C LEU A 39 35.91 4.63 -14.55
N GLY A 40 35.49 5.86 -14.82
CA GLY A 40 35.17 6.29 -16.17
C GLY A 40 36.31 6.07 -17.14
N GLU A 41 37.52 6.47 -16.74
CA GLU A 41 38.70 6.29 -17.57
C GLU A 41 39.00 4.81 -17.79
N GLN A 42 38.83 4.02 -16.74
CA GLN A 42 39.10 2.59 -16.81
C GLN A 42 38.09 1.90 -17.73
N ILE A 43 36.82 2.21 -17.54
CA ILE A 43 35.74 1.65 -18.35
C ILE A 43 35.87 2.11 -19.80
N GLY A 44 36.17 3.39 -19.99
CA GLY A 44 36.34 3.95 -21.31
C GLY A 44 37.45 3.28 -22.11
N ASN A 45 38.54 2.94 -21.43
CA ASN A 45 39.66 2.27 -22.08
C ASN A 45 39.32 0.83 -22.47
N ASP A 46 38.56 0.15 -21.63
CA ASP A 46 38.14 -1.22 -21.90
C ASP A 46 37.16 -1.27 -23.07
N TYR A 47 36.33 -0.23 -23.20
CA TYR A 47 35.31 -0.18 -24.24
C TYR A 47 35.67 0.82 -25.33
N ARG A 48 36.96 1.08 -25.52
CA ARG A 48 37.42 2.00 -26.55
C ARG A 48 37.16 1.41 -27.95
N GLU A 49 36.99 0.10 -28.00
CA GLU A 49 36.72 -0.63 -29.24
C GLU A 49 35.55 -0.04 -30.02
N THR A 53 34.14 -0.46 -33.42
CA THR A 53 34.34 -1.81 -33.98
C THR A 53 33.01 -2.49 -34.28
N THR A 54 31.94 -1.97 -33.70
CA THR A 54 30.60 -2.53 -33.90
C THR A 54 29.60 -1.46 -34.28
N GLY A 55 29.95 -0.20 -34.00
CA GLY A 55 29.12 0.93 -34.37
C GLY A 55 28.11 1.32 -33.29
N GLN A 56 27.74 0.36 -32.44
CA GLN A 56 26.75 0.62 -31.40
C GLN A 56 27.40 1.02 -30.09
N ASP A 57 26.80 1.99 -29.41
CA ASP A 57 27.35 2.55 -28.18
C ASP A 57 27.25 1.59 -27.00
N LEU A 58 28.01 1.88 -25.95
CA LEU A 58 27.95 1.10 -24.72
C LEU A 58 26.64 1.35 -24.00
N LEU A 59 26.00 0.28 -23.54
CA LEU A 59 24.69 0.38 -22.93
C LEU A 59 24.73 0.26 -21.41
N LEU A 60 24.30 1.32 -20.72
CA LEU A 60 24.24 1.31 -19.27
C LEU A 60 22.85 0.95 -18.78
N ILE A 61 22.77 -0.13 -17.99
CA ILE A 61 21.48 -0.58 -17.47
C ILE A 61 21.48 -0.56 -15.94
N THR A 62 20.57 0.22 -15.38
CA THR A 62 20.45 0.33 -13.93
C THR A 62 19.00 0.22 -13.47
N VAL A 63 18.80 -0.39 -12.30
CA VAL A 63 17.46 -0.53 -11.74
C VAL A 63 17.13 0.67 -10.85
N LEU A 64 15.88 1.10 -10.90
CA LEU A 64 15.42 2.24 -10.12
C LEU A 64 15.34 1.90 -8.63
N LYS A 65 15.69 2.86 -7.78
CA LYS A 65 16.18 4.16 -8.21
C LYS A 65 17.37 4.62 -7.37
N GLY A 66 18.21 3.67 -6.98
CA GLY A 66 19.36 3.97 -6.14
C GLY A 66 20.59 4.38 -6.91
N ALA A 67 20.82 3.72 -8.05
CA ALA A 67 22.01 3.99 -8.86
C ALA A 67 21.75 5.06 -9.92
N VAL A 68 20.64 5.77 -9.79
CA VAL A 68 20.31 6.84 -10.72
C VAL A 68 21.29 7.99 -10.59
N LEU A 69 21.54 8.41 -9.36
CA LEU A 69 22.51 9.46 -9.08
C LEU A 69 23.90 9.07 -9.56
N PHE A 70 24.24 7.80 -9.40
CA PHE A 70 25.56 7.29 -9.75
C PHE A 70 25.76 7.14 -11.26
N VAL A 71 24.73 6.63 -11.95
CA VAL A 71 24.86 6.36 -13.38
C VAL A 71 24.93 7.67 -14.19
N THR A 72 24.33 8.73 -13.67
CA THR A 72 24.37 10.03 -14.34
C THR A 72 25.78 10.58 -14.38
N ASP A 73 26.44 10.56 -13.22
CA ASP A 73 27.81 11.04 -13.12
C ASP A 73 28.78 10.12 -13.84
N LEU A 74 28.50 8.82 -13.78
CA LEU A 74 29.36 7.82 -14.40
C LEU A 74 29.35 7.95 -15.91
N ALA A 75 28.16 8.09 -16.49
CA ALA A 75 28.01 8.21 -17.93
C ALA A 75 28.73 9.46 -18.47
N ARG A 76 28.76 10.51 -17.65
CA ARG A 76 29.46 11.72 -18.01
C ARG A 76 30.97 11.57 -17.79
N ALA A 77 31.36 10.62 -16.94
CA ALA A 77 32.77 10.41 -16.63
C ALA A 77 33.43 9.42 -17.60
N ILE A 78 32.61 8.67 -18.34
CA ILE A 78 33.14 7.72 -19.32
C ILE A 78 33.38 8.41 -20.66
N PRO A 79 34.63 8.35 -21.16
CA PRO A 79 35.05 9.07 -22.37
C PRO A 79 34.58 8.44 -23.68
N VAL A 80 33.64 7.49 -23.62
CA VAL A 80 33.05 6.93 -24.82
C VAL A 80 31.54 7.09 -24.75
N PRO A 81 30.87 7.08 -25.92
CA PRO A 81 29.41 7.19 -25.95
C PRO A 81 28.70 6.16 -25.07
N THR A 82 27.75 6.62 -24.27
CA THR A 82 27.00 5.74 -23.38
C THR A 82 25.50 6.02 -23.49
N GLN A 83 24.70 4.96 -23.49
CA GLN A 83 23.25 5.09 -23.54
C GLN A 83 22.62 4.63 -22.23
N PHE A 84 21.42 5.15 -21.94
CA PHE A 84 20.74 4.84 -20.69
C PHE A 84 19.58 3.84 -20.85
N GLU A 85 19.54 2.86 -19.96
CA GLU A 85 18.39 1.96 -19.83
C GLU A 85 17.98 1.84 -18.35
N PHE A 86 16.68 1.91 -18.10
CA PHE A 86 16.19 1.81 -16.74
C PHE A 86 15.17 0.68 -16.58
N MET A 87 15.28 -0.03 -15.46
CA MET A 87 14.33 -1.07 -15.10
C MET A 87 13.74 -0.77 -13.72
N ALA A 88 12.49 -1.19 -13.52
CA ALA A 88 11.87 -1.06 -12.21
C ALA A 88 11.41 -2.43 -11.73
N VAL A 89 11.74 -2.76 -10.49
CA VAL A 89 11.40 -4.06 -9.93
C VAL A 89 10.82 -3.93 -8.53
N SER A 90 10.21 -5.01 -8.04
CA SER A 90 9.65 -5.02 -6.69
C SER A 90 9.58 -6.44 -6.17
N SER A 91 10.16 -6.66 -4.99
CA SER A 91 10.24 -8.00 -4.41
C SER A 91 8.86 -8.60 -4.16
N TYR A 92 8.74 -9.89 -4.37
CA TYR A 92 7.49 -10.61 -4.13
C TYR A 92 7.21 -10.71 -2.64
N SER A 99 12.93 -12.71 -1.73
CA SER A 99 14.29 -12.18 -1.54
C SER A 99 15.01 -12.05 -2.88
N GLY A 100 15.51 -13.18 -3.38
CA GLY A 100 16.22 -13.19 -4.65
C GLY A 100 15.26 -13.20 -5.83
N VAL A 101 13.98 -13.42 -5.54
CA VAL A 101 12.96 -13.43 -6.57
C VAL A 101 12.30 -12.05 -6.66
N VAL A 102 12.06 -11.57 -7.88
CA VAL A 102 11.52 -10.24 -8.07
C VAL A 102 10.68 -10.13 -9.34
N ARG A 103 9.69 -9.24 -9.32
CA ARG A 103 8.85 -9.01 -10.48
C ARG A 103 9.29 -7.76 -11.22
N ILE A 104 8.96 -7.69 -12.50
CA ILE A 104 9.35 -6.55 -13.33
C ILE A 104 8.21 -5.56 -13.49
N LEU A 105 8.37 -4.39 -12.87
CA LEU A 105 7.39 -3.31 -12.99
C LEU A 105 7.59 -2.55 -14.30
N LYS A 106 8.84 -2.47 -14.73
CA LYS A 106 9.18 -1.84 -16.00
C LYS A 106 10.36 -2.54 -16.65
N ASP A 107 10.15 -3.04 -17.86
CA ASP A 107 11.19 -3.78 -18.59
C ASP A 107 12.07 -2.81 -19.39
N LEU A 108 13.06 -3.35 -20.10
CA LEU A 108 13.87 -2.54 -21.00
C LEU A 108 13.01 -1.96 -22.11
N ASP A 109 13.34 -0.76 -22.56
CA ASP A 109 12.62 -0.14 -23.66
C ASP A 109 13.02 -0.77 -24.98
N ARG A 110 14.22 -1.35 -25.01
CA ARG A 110 14.80 -1.89 -26.23
C ARG A 110 15.40 -3.29 -26.04
N ASP A 111 15.64 -3.98 -27.16
CA ASP A 111 16.25 -5.30 -27.13
C ASP A 111 17.77 -5.18 -27.08
N ILE A 112 18.37 -5.79 -26.06
CA ILE A 112 19.82 -5.67 -25.84
C ILE A 112 20.59 -6.77 -26.53
N HIS A 113 19.96 -7.45 -27.49
CA HIS A 113 20.59 -8.53 -28.22
C HIS A 113 21.80 -8.04 -29.01
N GLY A 114 22.95 -8.66 -28.77
CA GLY A 114 24.17 -8.30 -29.48
C GLY A 114 24.77 -6.98 -29.03
N ARG A 115 24.26 -6.44 -27.93
CA ARG A 115 24.73 -5.17 -27.40
C ARG A 115 25.75 -5.37 -26.28
N ASP A 116 26.71 -4.45 -26.18
CA ASP A 116 27.64 -4.45 -25.07
C ASP A 116 26.98 -3.75 -23.88
N VAL A 117 26.70 -4.53 -22.84
CA VAL A 117 25.91 -4.04 -21.72
C VAL A 117 26.72 -3.97 -20.42
N LEU A 118 26.54 -2.87 -19.69
CA LEU A 118 27.16 -2.73 -18.38
C LEU A 118 26.09 -2.50 -17.32
N ILE A 119 26.00 -3.41 -16.36
CA ILE A 119 25.06 -3.24 -15.25
C ILE A 119 25.61 -2.25 -14.24
N VAL A 120 24.88 -1.15 -14.05
CA VAL A 120 25.29 -0.12 -13.10
C VAL A 120 24.50 -0.24 -11.80
N GLU A 121 25.19 -0.62 -10.73
CA GLU A 121 24.55 -0.80 -9.43
C GLU A 121 25.09 0.18 -8.39
N ASP A 122 24.29 0.43 -7.35
CA ASP A 122 24.70 1.32 -6.27
C ASP A 122 25.43 0.57 -5.16
N VAL A 123 24.80 -0.48 -4.64
CA VAL A 123 25.39 -1.29 -3.58
C VAL A 123 25.17 -2.78 -3.81
N VAL A 124 26.25 -3.57 -3.72
CA VAL A 124 26.15 -5.01 -3.78
C VAL A 124 26.51 -5.62 -2.42
N ASP A 125 25.52 -6.20 -1.76
CA ASP A 125 25.74 -6.79 -0.44
C ASP A 125 25.53 -8.30 -0.49
N SER A 126 24.28 -8.74 -0.42
CA SER A 126 23.98 -10.17 -0.47
C SER A 126 24.29 -10.74 -1.85
N GLY A 127 23.99 -9.95 -2.88
CA GLY A 127 24.24 -10.37 -4.25
C GLY A 127 22.98 -10.90 -4.91
N LEU A 128 21.91 -11.05 -4.12
CA LEU A 128 20.65 -11.60 -4.61
C LEU A 128 20.04 -10.74 -5.71
N THR A 129 20.15 -9.43 -5.56
CA THR A 129 19.64 -8.49 -6.56
C THR A 129 20.38 -8.68 -7.89
N LEU A 130 21.70 -8.61 -7.82
CA LEU A 130 22.55 -8.74 -9.00
C LEU A 130 22.45 -10.10 -9.66
N SER A 131 22.27 -11.14 -8.83
CA SER A 131 22.23 -12.51 -9.32
C SER A 131 21.03 -12.73 -10.25
N TRP A 132 19.88 -12.18 -9.89
CA TRP A 132 18.68 -12.30 -10.71
C TRP A 132 18.79 -11.46 -11.97
N LEU A 133 19.30 -10.24 -11.81
CA LEU A 133 19.42 -9.31 -12.93
C LEU A 133 20.41 -9.80 -13.99
N SER A 134 21.55 -10.29 -13.54
CA SER A 134 22.57 -10.83 -14.43
C SER A 134 22.04 -12.02 -15.21
N ARG A 135 21.31 -12.88 -14.52
CA ARG A 135 20.71 -14.06 -15.14
C ARG A 135 19.61 -13.67 -16.12
N ASN A 136 18.86 -12.62 -15.77
CA ASN A 136 17.77 -12.16 -16.61
C ASN A 136 18.27 -11.46 -17.87
N LEU A 137 19.32 -10.67 -17.74
CA LEU A 137 19.86 -9.93 -18.88
C LEU A 137 20.63 -10.83 -19.85
N THR A 138 21.16 -11.94 -19.34
CA THR A 138 21.89 -12.88 -20.18
C THR A 138 20.95 -13.74 -21.02
N SER A 139 19.69 -13.85 -20.59
CA SER A 139 18.69 -14.61 -21.34
C SER A 139 18.21 -13.81 -22.55
N ARG A 140 18.59 -12.54 -22.60
CA ARG A 140 18.30 -11.68 -23.74
C ARG A 140 19.46 -11.73 -24.73
N ASN A 141 20.51 -12.46 -24.35
CA ASN A 141 21.70 -12.69 -25.18
C ASN A 141 22.37 -11.43 -25.72
N PRO A 142 23.02 -10.65 -24.84
CA PRO A 142 23.83 -9.52 -25.27
C PRO A 142 25.22 -9.99 -25.71
N ARG A 143 25.95 -9.17 -26.45
CA ARG A 143 27.30 -9.52 -26.88
C ARG A 143 28.22 -9.66 -25.67
N SER A 144 28.06 -8.75 -24.71
CA SER A 144 28.86 -8.78 -23.49
C SER A 144 28.04 -8.23 -22.33
N LEU A 145 28.32 -8.73 -21.13
CA LEU A 145 27.59 -8.30 -19.94
C LEU A 145 28.53 -8.22 -18.74
N ARG A 146 28.84 -7.00 -18.32
CA ARG A 146 29.69 -6.78 -17.15
C ARG A 146 28.95 -5.98 -16.09
N VAL A 147 29.50 -5.98 -14.88
CA VAL A 147 28.86 -5.31 -13.75
C VAL A 147 29.76 -4.25 -13.13
N CYS A 148 29.21 -3.07 -12.92
CA CYS A 148 29.90 -1.99 -12.22
C CYS A 148 29.09 -1.51 -11.03
N THR A 149 29.65 -1.61 -9.83
CA THR A 149 28.98 -1.14 -8.64
C THR A 149 29.80 -0.06 -7.93
N LEU A 150 29.11 0.93 -7.37
CA LEU A 150 29.78 2.00 -6.63
C LEU A 150 30.36 1.46 -5.32
N LEU A 151 29.54 0.70 -4.61
CA LEU A 151 29.95 0.15 -3.32
C LEU A 151 29.83 -1.36 -3.31
N ARG A 152 30.66 -2.01 -2.50
CA ARG A 152 30.59 -3.46 -2.32
C ARG A 152 30.84 -3.80 -0.85
N LYS A 153 29.96 -4.62 -0.28
CA LYS A 153 30.07 -5.05 1.10
C LYS A 153 30.72 -6.43 1.18
N PRO A 154 31.28 -6.79 2.35
CA PRO A 154 32.02 -8.05 2.45
C PRO A 154 31.17 -9.31 2.27
N ASP A 155 29.85 -9.19 2.32
CA ASP A 155 28.98 -10.35 2.11
C ASP A 155 28.85 -10.71 0.63
N ALA A 156 29.34 -9.83 -0.23
CA ALA A 156 29.24 -10.02 -1.68
C ALA A 156 30.13 -11.16 -2.17
N VAL A 157 31.07 -11.59 -1.33
CA VAL A 157 31.98 -12.67 -1.69
C VAL A 157 31.24 -14.01 -1.71
N HIS A 158 30.06 -14.05 -1.10
CA HIS A 158 29.26 -15.26 -1.06
C HIS A 158 28.54 -15.48 -2.39
N ALA A 159 28.27 -14.40 -3.11
CA ALA A 159 27.63 -14.47 -4.42
C ALA A 159 28.56 -15.11 -5.44
N ASN A 160 28.06 -15.32 -6.66
CA ASN A 160 28.84 -15.99 -7.69
C ASN A 160 28.93 -15.19 -8.98
N VAL A 161 28.12 -14.15 -9.10
CA VAL A 161 28.19 -13.27 -10.26
C VAL A 161 29.39 -12.33 -10.13
N GLU A 162 30.32 -12.44 -11.08
CA GLU A 162 31.55 -11.67 -11.00
C GLU A 162 31.32 -10.19 -11.28
N ILE A 163 32.11 -9.34 -10.62
CA ILE A 163 31.99 -7.90 -10.80
C ILE A 163 33.30 -7.32 -11.32
N ALA A 164 33.20 -6.57 -12.42
CA ALA A 164 34.39 -6.06 -13.10
C ALA A 164 34.89 -4.75 -12.48
N TYR A 165 33.96 -3.89 -12.08
CA TYR A 165 34.34 -2.57 -11.57
C TYR A 165 33.71 -2.29 -10.21
N VAL A 166 34.55 -2.01 -9.22
CA VAL A 166 34.09 -1.69 -7.88
C VAL A 166 34.68 -0.36 -7.43
N GLY A 167 33.84 0.64 -7.24
CA GLY A 167 34.28 1.94 -6.79
C GLY A 167 34.90 1.88 -5.41
N PHE A 168 34.19 1.29 -4.46
CA PHE A 168 34.67 1.19 -3.09
C PHE A 168 34.24 -0.10 -2.41
N ASP A 169 35.16 -0.70 -1.67
CA ASP A 169 34.81 -1.79 -0.76
C ASP A 169 34.56 -1.21 0.62
N ILE A 170 33.33 -1.33 1.10
CA ILE A 170 32.95 -0.72 2.37
C ILE A 170 32.54 -1.78 3.40
N PRO A 171 32.54 -1.40 4.69
CA PRO A 171 32.08 -2.33 5.73
C PRO A 171 30.61 -2.70 5.61
N ASN A 172 30.16 -3.57 6.53
CA ASN A 172 28.82 -4.13 6.51
C ASN A 172 27.75 -3.09 6.92
N ASP A 173 28.17 -2.05 7.62
CA ASP A 173 27.26 -1.03 8.13
C ASP A 173 26.32 -0.44 7.09
N PHE A 174 25.13 -0.06 7.53
CA PHE A 174 24.11 0.49 6.64
C PHE A 174 24.38 1.97 6.36
N VAL A 175 24.58 2.30 5.09
CA VAL A 175 24.95 3.66 4.70
C VAL A 175 23.88 4.31 3.81
N VAL A 176 23.84 5.63 3.81
CA VAL A 176 22.92 6.37 2.96
C VAL A 176 23.62 7.52 2.25
N GLY A 177 22.89 8.17 1.35
CA GLY A 177 23.44 9.29 0.59
C GLY A 177 23.84 8.88 -0.81
N TYR A 178 23.86 9.86 -1.72
CA TYR A 178 24.21 9.64 -3.12
C TYR A 178 23.36 8.53 -3.72
N GLY A 179 22.05 8.65 -3.59
CA GLY A 179 21.15 7.64 -4.13
C GLY A 179 20.62 6.68 -3.07
N LEU A 180 21.50 6.24 -2.18
CA LEU A 180 21.11 5.30 -1.12
C LEU A 180 20.13 5.95 -0.15
N ASP A 181 19.13 5.18 0.27
CA ASP A 181 18.04 5.74 1.07
C ASP A 181 17.69 4.95 2.31
N TYR A 182 16.87 5.58 3.15
CA TYR A 182 16.14 4.89 4.20
C TYR A 182 14.75 5.50 4.30
N ASP A 183 13.74 4.72 3.92
CA ASP A 183 12.36 5.18 3.82
C ASP A 183 12.27 6.36 2.85
N GLU A 184 12.93 6.20 1.70
CA GLU A 184 12.92 7.19 0.61
C GLU A 184 13.49 8.55 0.99
N ARG A 185 14.38 8.58 1.98
CA ARG A 185 15.04 9.83 2.35
C ARG A 185 16.55 9.72 2.17
N TYR A 186 17.24 10.86 2.35
CA TYR A 186 18.69 10.95 2.28
C TYR A 186 19.28 10.63 0.90
N ARG A 187 18.42 10.54 -0.12
CA ARG A 187 18.88 10.21 -1.46
C ARG A 187 19.65 11.36 -2.11
N ASP A 188 19.33 12.58 -1.72
CA ASP A 188 19.87 13.77 -2.39
C ASP A 188 21.22 14.23 -1.84
N LEU A 189 21.76 13.50 -0.87
CA LEU A 189 23.06 13.84 -0.30
C LEU A 189 24.19 13.68 -1.32
N SER A 190 25.14 14.60 -1.28
CA SER A 190 26.27 14.56 -2.20
C SER A 190 27.34 13.60 -1.70
N TYR A 191 27.26 13.23 -0.44
CA TYR A 191 28.21 12.30 0.16
C TYR A 191 27.54 11.02 0.63
N ILE A 192 28.33 10.07 1.08
CA ILE A 192 27.82 8.82 1.64
C ILE A 192 28.30 8.65 3.07
N GLY A 193 27.37 8.40 3.98
CA GLY A 193 27.72 8.22 5.38
C GLY A 193 26.87 7.16 6.06
N THR A 194 27.37 6.65 7.18
CA THR A 194 26.63 5.69 7.97
C THR A 194 25.49 6.39 8.72
N LEU A 195 24.28 5.90 8.53
CA LEU A 195 23.11 6.45 9.18
C LEU A 195 23.16 6.18 10.68
N ASP A 196 22.78 7.17 11.48
CA ASP A 196 22.74 7.02 12.93
C ASP A 196 21.76 5.90 13.30
N PRO A 197 22.18 5.00 14.19
CA PRO A 197 21.36 3.84 14.57
C PRO A 197 20.00 4.21 15.12
N ARG A 198 19.87 5.38 15.73
CA ARG A 198 18.61 5.81 16.34
C ARG A 198 17.53 6.12 15.30
N VAL A 199 17.91 6.15 14.03
CA VAL A 199 16.95 6.39 12.96
C VAL A 199 16.17 5.11 12.60
N TYR A 200 16.81 3.96 12.69
CA TYR A 200 16.20 2.69 12.30
C TYR A 200 16.28 1.68 13.43
N GLN A 201 17.21 1.88 14.36
CA GLN A 201 17.06 1.32 15.70
C GLN A 201 17.24 -0.19 15.72
N ALA B 15 37.23 14.96 -23.58
CA ALA B 15 37.37 14.89 -25.02
C ALA B 15 36.01 14.90 -25.70
N GLU B 16 36.01 14.76 -27.03
CA GLU B 16 34.76 14.73 -27.80
C GLU B 16 34.24 13.30 -27.93
N LEU B 17 33.10 13.04 -27.30
CA LEU B 17 32.50 11.71 -27.32
C LEU B 17 32.00 11.35 -28.73
N TYR B 18 31.54 12.36 -29.46
CA TYR B 18 31.02 12.16 -30.82
C TYR B 18 31.71 13.10 -31.81
N PRO B 19 32.93 12.75 -32.22
CA PRO B 19 33.76 13.61 -33.09
C PRO B 19 33.13 13.89 -34.45
N GLY B 20 32.76 15.14 -34.68
CA GLY B 20 32.22 15.56 -35.97
C GLY B 20 30.71 15.44 -36.09
N ASP B 21 30.02 15.40 -34.94
CA ASP B 21 28.57 15.27 -34.94
C ASP B 21 27.88 16.54 -34.47
N ILE B 22 28.54 17.28 -33.57
CA ILE B 22 27.99 18.54 -33.07
C ILE B 22 28.44 19.71 -33.93
N LYS B 23 27.49 20.43 -34.51
CA LYS B 23 27.82 21.56 -35.37
C LYS B 23 28.23 22.77 -34.52
N SER B 24 27.56 22.96 -33.39
CA SER B 24 27.83 24.10 -32.52
C SER B 24 27.26 23.87 -31.13
N VAL B 25 27.84 24.57 -30.15
CA VAL B 25 27.38 24.46 -28.77
C VAL B 25 26.38 25.58 -28.45
N LEU B 26 25.20 25.19 -28.01
CA LEU B 26 24.18 26.17 -27.63
C LEU B 26 24.40 26.64 -26.20
N LEU B 27 24.47 25.69 -25.28
CA LEU B 27 24.68 25.99 -23.87
C LEU B 27 25.82 25.14 -23.30
N THR B 28 26.90 25.80 -22.89
CA THR B 28 28.06 25.09 -22.36
C THR B 28 27.74 24.43 -21.03
N ALA B 29 28.60 23.51 -20.62
CA ALA B 29 28.39 22.74 -19.40
C ALA B 29 28.33 23.61 -18.14
N GLU B 30 29.12 24.68 -18.11
CA GLU B 30 29.18 25.55 -16.95
C GLU B 30 28.04 26.58 -16.93
N GLN B 31 27.58 26.97 -18.11
CA GLN B 31 26.36 27.79 -18.19
C GLN B 31 25.19 27.04 -17.53
N ILE B 32 25.07 25.76 -17.87
CA ILE B 32 24.01 24.92 -17.33
C ILE B 32 24.16 24.75 -15.82
N GLN B 33 25.32 24.29 -15.39
CA GLN B 33 25.58 24.06 -13.97
C GLN B 33 25.46 25.34 -13.14
N ALA B 34 25.79 26.48 -13.73
CA ALA B 34 25.66 27.76 -13.04
C ALA B 34 24.19 28.12 -12.87
N ARG B 35 23.40 27.88 -13.91
CA ARG B 35 21.97 28.15 -13.85
C ARG B 35 21.29 27.26 -12.82
N ILE B 36 21.73 26.00 -12.75
CA ILE B 36 21.17 25.03 -11.81
C ILE B 36 21.39 25.49 -10.37
N ALA B 37 22.57 26.04 -10.08
CA ALA B 37 22.85 26.59 -8.77
C ALA B 37 21.90 27.73 -8.43
N GLU B 38 21.61 28.57 -9.41
CA GLU B 38 20.68 29.68 -9.23
C GLU B 38 19.27 29.17 -8.99
N LEU B 39 18.86 28.16 -9.76
CA LEU B 39 17.54 27.55 -9.61
C LEU B 39 17.42 26.87 -8.25
N GLY B 40 18.45 26.12 -7.87
CA GLY B 40 18.46 25.43 -6.60
C GLY B 40 18.29 26.38 -5.42
N GLU B 41 19.02 27.49 -5.46
CA GLU B 41 18.92 28.49 -4.41
C GLU B 41 17.53 29.14 -4.39
N GLN B 42 16.99 29.40 -5.58
CA GLN B 42 15.68 30.01 -5.71
C GLN B 42 14.58 29.06 -5.23
N ILE B 43 14.66 27.80 -5.65
CA ILE B 43 13.71 26.78 -5.22
C ILE B 43 13.81 26.55 -3.71
N GLY B 44 15.04 26.52 -3.22
CA GLY B 44 15.28 26.29 -1.80
C GLY B 44 14.63 27.31 -0.89
N ASN B 45 14.60 28.57 -1.33
CA ASN B 45 14.04 29.65 -0.52
C ASN B 45 12.51 29.75 -0.62
N ASP B 46 11.96 29.32 -1.74
CA ASP B 46 10.50 29.25 -1.89
C ASP B 46 9.92 28.16 -0.99
N TYR B 47 10.64 27.05 -0.89
CA TYR B 47 10.24 25.94 -0.05
C TYR B 47 11.02 25.92 1.26
N ARG B 48 11.49 27.10 1.67
CA ARG B 48 12.30 27.20 2.88
C ARG B 48 11.48 26.93 4.14
N GLU B 49 10.32 27.58 4.25
CA GLU B 49 9.54 27.53 5.48
C GLU B 49 8.45 26.47 5.44
N LEU B 50 8.08 26.03 4.24
CA LEU B 50 7.03 25.03 4.11
C LEU B 50 7.64 23.65 3.91
N SER B 51 8.52 23.28 4.83
CA SER B 51 9.12 21.95 4.88
C SER B 51 9.23 21.53 6.34
N ALA B 52 9.46 22.52 7.20
CA ALA B 52 9.56 22.30 8.64
C ALA B 52 8.18 22.30 9.28
N THR B 53 7.19 22.79 8.53
CA THR B 53 5.82 22.84 9.02
C THR B 53 5.09 21.52 8.78
N THR B 54 5.17 21.03 7.54
CA THR B 54 4.51 19.80 7.15
C THR B 54 5.19 18.58 7.77
N GLY B 55 6.53 18.62 7.80
CA GLY B 55 7.31 17.51 8.32
C GLY B 55 7.73 16.56 7.21
N GLN B 56 7.32 16.86 5.98
CA GLN B 56 7.69 16.03 4.84
C GLN B 56 8.53 16.83 3.84
N ASP B 57 9.44 16.14 3.17
CA ASP B 57 10.38 16.78 2.26
C ASP B 57 9.73 17.17 0.93
N LEU B 58 10.43 18.02 0.18
CA LEU B 58 9.99 18.42 -1.15
C LEU B 58 10.10 17.24 -2.12
N LEU B 59 9.09 17.05 -2.93
CA LEU B 59 9.06 15.91 -3.84
C LEU B 59 9.33 16.31 -5.29
N LEU B 60 10.36 15.73 -5.87
CA LEU B 60 10.69 15.96 -7.27
C LEU B 60 10.18 14.82 -8.15
N ILE B 61 9.27 15.14 -9.06
CA ILE B 61 8.73 14.14 -9.98
C ILE B 61 9.25 14.36 -11.39
N THR B 62 9.81 13.31 -11.98
CA THR B 62 10.46 13.39 -13.27
C THR B 62 10.04 12.25 -14.20
N VAL B 63 9.77 12.59 -15.46
CA VAL B 63 9.48 11.58 -16.48
C VAL B 63 10.75 11.15 -17.21
N LEU B 64 11.02 9.86 -17.18
CA LEU B 64 12.19 9.29 -17.86
C LEU B 64 12.10 9.48 -19.37
N LYS B 65 13.24 9.63 -20.05
CA LYS B 65 14.56 9.63 -19.44
C LYS B 65 15.30 10.95 -19.65
N GLY B 66 14.62 11.89 -20.31
CA GLY B 66 15.25 13.14 -20.73
C GLY B 66 15.74 14.06 -19.63
N ALA B 67 15.10 13.99 -18.46
CA ALA B 67 15.41 14.93 -17.39
C ALA B 67 16.12 14.26 -16.21
N VAL B 68 16.68 13.07 -16.44
CA VAL B 68 17.37 12.34 -15.39
C VAL B 68 18.68 13.03 -14.99
N LEU B 69 19.44 13.48 -15.97
CA LEU B 69 20.67 14.24 -15.72
C LEU B 69 20.37 15.54 -14.98
N PHE B 70 19.28 16.20 -15.39
CA PHE B 70 18.91 17.48 -14.83
C PHE B 70 18.37 17.37 -13.41
N VAL B 71 17.65 16.29 -13.11
CA VAL B 71 17.03 16.15 -11.79
C VAL B 71 18.07 15.75 -10.74
N THR B 72 19.11 15.03 -11.15
CA THR B 72 20.14 14.60 -10.22
C THR B 72 21.04 15.76 -9.82
N ASP B 73 21.27 16.69 -10.76
CA ASP B 73 22.08 17.87 -10.48
C ASP B 73 21.26 18.90 -9.72
N LEU B 74 19.98 19.03 -10.08
CA LEU B 74 19.10 20.00 -9.45
C LEU B 74 18.83 19.65 -7.99
N ALA B 75 18.58 18.37 -7.73
CA ALA B 75 18.28 17.91 -6.36
C ALA B 75 19.44 18.20 -5.41
N ARG B 76 20.66 18.07 -5.92
CA ARG B 76 21.85 18.34 -5.12
C ARG B 76 22.14 19.83 -5.06
N ALA B 77 21.35 20.62 -5.79
CA ALA B 77 21.50 22.07 -5.79
C ALA B 77 20.46 22.73 -4.89
N ILE B 78 19.43 21.98 -4.54
CA ILE B 78 18.38 22.48 -3.66
C ILE B 78 18.79 22.26 -2.20
N PRO B 79 18.92 23.36 -1.44
CA PRO B 79 19.41 23.34 -0.06
C PRO B 79 18.38 22.88 0.97
N VAL B 80 17.30 22.26 0.50
CA VAL B 80 16.34 21.61 1.39
C VAL B 80 16.22 20.14 0.99
N PRO B 81 15.80 19.27 1.93
CA PRO B 81 15.64 17.85 1.60
C PRO B 81 14.69 17.62 0.42
N THR B 82 15.12 16.81 -0.53
CA THR B 82 14.31 16.52 -1.71
C THR B 82 14.26 15.02 -1.99
N GLN B 83 13.05 14.51 -2.25
CA GLN B 83 12.87 13.10 -2.54
C GLN B 83 12.62 12.88 -4.04
N PHE B 84 12.92 11.69 -4.52
CA PHE B 84 12.80 11.39 -5.94
C PHE B 84 11.58 10.53 -6.26
N GLU B 85 10.98 10.79 -7.42
CA GLU B 85 9.94 9.95 -7.99
C GLU B 85 10.07 9.94 -9.51
N PHE B 86 10.11 8.76 -10.10
CA PHE B 86 10.30 8.64 -11.54
C PHE B 86 9.09 8.00 -12.22
N MET B 87 8.78 8.46 -13.43
CA MET B 87 7.70 7.91 -14.22
C MET B 87 8.18 7.51 -15.61
N ALA B 88 7.75 6.34 -16.07
CA ALA B 88 8.04 5.90 -17.43
C ALA B 88 6.75 5.92 -18.25
N VAL B 89 6.76 6.62 -19.37
CA VAL B 89 5.57 6.77 -20.19
C VAL B 89 5.81 6.44 -21.66
N SER B 90 4.74 6.51 -22.44
CA SER B 90 4.81 6.32 -23.89
C SER B 90 3.60 6.96 -24.54
N SER B 91 3.70 7.24 -25.84
CA SER B 91 2.58 7.80 -26.58
C SER B 91 1.83 6.71 -27.31
N TYR B 92 0.51 6.89 -27.42
CA TYR B 92 -0.33 5.93 -28.13
C TYR B 92 -0.22 6.12 -29.64
N GLY B 100 0.14 14.84 -25.89
CA GLY B 100 -1.03 15.02 -25.06
C GLY B 100 -1.62 13.70 -24.57
N VAL B 101 -1.58 12.69 -25.43
CA VAL B 101 -2.10 11.37 -25.08
C VAL B 101 -0.96 10.44 -24.67
N VAL B 102 -0.97 10.04 -23.40
CA VAL B 102 0.18 9.35 -22.81
C VAL B 102 -0.18 8.02 -22.15
N ARG B 103 0.59 6.99 -22.45
CA ARG B 103 0.46 5.68 -21.80
C ARG B 103 1.50 5.52 -20.69
N ILE B 104 1.05 5.13 -19.51
CA ILE B 104 1.94 4.93 -18.37
C ILE B 104 2.58 3.54 -18.36
N LEU B 105 3.89 3.49 -18.50
CA LEU B 105 4.64 2.23 -18.42
C LEU B 105 5.00 1.92 -16.97
N LYS B 106 5.30 2.97 -16.21
CA LYS B 106 5.58 2.84 -14.79
C LYS B 106 5.04 4.04 -14.03
N ASP B 107 4.24 3.77 -13.00
CA ASP B 107 3.61 4.83 -12.22
C ASP B 107 4.44 5.14 -10.97
N LEU B 108 4.06 6.20 -10.25
CA LEU B 108 4.72 6.59 -9.02
C LEU B 108 4.75 5.47 -8.00
N ASP B 109 5.78 5.45 -7.15
CA ASP B 109 5.95 4.40 -6.16
C ASP B 109 5.01 4.58 -4.97
N ARG B 110 4.77 5.83 -4.58
CA ARG B 110 3.94 6.12 -3.42
C ARG B 110 2.86 7.14 -3.71
N ASP B 111 1.93 7.28 -2.77
CA ASP B 111 0.84 8.25 -2.90
C ASP B 111 1.35 9.67 -2.60
N ILE B 112 1.00 10.62 -3.46
CA ILE B 112 1.50 11.98 -3.30
C ILE B 112 0.43 12.92 -2.74
N HIS B 113 -0.58 12.34 -2.09
CA HIS B 113 -1.62 13.13 -1.45
C HIS B 113 -1.05 13.98 -0.33
N GLY B 114 -1.28 15.28 -0.40
CA GLY B 114 -0.83 16.21 0.63
C GLY B 114 0.65 16.55 0.55
N ARG B 115 1.33 16.04 -0.46
CA ARG B 115 2.75 16.32 -0.65
C ARG B 115 2.98 17.64 -1.37
N ASP B 116 4.19 18.18 -1.24
CA ASP B 116 4.58 19.35 -2.03
C ASP B 116 5.40 18.88 -3.22
N VAL B 117 4.78 18.93 -4.40
CA VAL B 117 5.39 18.34 -5.59
C VAL B 117 5.96 19.37 -6.54
N LEU B 118 7.19 19.14 -6.98
CA LEU B 118 7.80 19.95 -8.02
C LEU B 118 8.08 19.09 -9.25
N ILE B 119 7.40 19.40 -10.36
CA ILE B 119 7.61 18.68 -11.60
C ILE B 119 8.89 19.15 -12.28
N VAL B 120 9.83 18.22 -12.45
CA VAL B 120 11.13 18.56 -13.04
C VAL B 120 11.23 18.06 -14.48
N GLU B 121 11.07 18.98 -15.42
CA GLU B 121 11.14 18.64 -16.84
C GLU B 121 12.46 19.09 -17.46
N ASP B 122 12.70 18.62 -18.69
CA ASP B 122 13.91 18.99 -19.42
C ASP B 122 13.60 20.00 -20.53
N VAL B 123 12.52 19.75 -21.27
CA VAL B 123 12.12 20.62 -22.36
C VAL B 123 10.60 20.76 -22.43
N VAL B 124 10.13 22.00 -22.50
CA VAL B 124 8.72 22.27 -22.72
C VAL B 124 8.52 22.99 -24.05
N ASP B 125 7.94 22.28 -25.02
CA ASP B 125 7.72 22.84 -26.36
C ASP B 125 6.26 23.24 -26.54
N SER B 126 5.46 22.30 -27.05
CA SER B 126 4.03 22.54 -27.25
C SER B 126 3.31 22.63 -25.92
N GLY B 127 3.80 21.89 -24.94
CA GLY B 127 3.21 21.91 -23.60
C GLY B 127 2.23 20.78 -23.38
N LEU B 128 2.08 19.92 -24.39
CA LEU B 128 1.15 18.80 -24.33
C LEU B 128 1.54 17.81 -23.23
N THR B 129 2.82 17.46 -23.16
CA THR B 129 3.30 16.52 -22.16
C THR B 129 3.05 17.03 -20.76
N LEU B 130 3.36 18.30 -20.53
CA LEU B 130 3.17 18.93 -19.23
C LEU B 130 1.68 19.05 -18.89
N SER B 131 0.87 19.27 -19.91
CA SER B 131 -0.58 19.41 -19.73
C SER B 131 -1.20 18.11 -19.23
N TRP B 132 -0.70 16.98 -19.72
CA TRP B 132 -1.17 15.68 -19.30
C TRP B 132 -0.69 15.36 -17.89
N LEU B 133 0.60 15.58 -17.65
CA LEU B 133 1.22 15.25 -16.37
C LEU B 133 0.65 16.08 -15.23
N SER B 134 0.49 17.37 -15.47
CA SER B 134 -0.07 18.28 -14.47
C SER B 134 -1.49 17.86 -14.10
N ARG B 135 -2.26 17.44 -15.10
CA ARG B 135 -3.63 16.99 -14.89
C ARG B 135 -3.65 15.69 -14.10
N ASN B 136 -2.76 14.77 -14.46
CA ASN B 136 -2.68 13.47 -13.81
C ASN B 136 -2.24 13.56 -12.34
N LEU B 137 -1.27 14.43 -12.06
CA LEU B 137 -0.74 14.55 -10.71
C LEU B 137 -1.68 15.29 -9.78
N THR B 138 -2.40 16.27 -10.31
CA THR B 138 -3.33 17.06 -9.49
C THR B 138 -4.54 16.24 -9.08
N SER B 139 -4.83 15.18 -9.82
CA SER B 139 -5.93 14.27 -9.48
C SER B 139 -5.58 13.44 -8.25
N ARG B 140 -4.29 13.33 -7.96
CA ARG B 140 -3.81 12.61 -6.80
C ARG B 140 -3.81 13.52 -5.56
N ASN B 141 -4.25 14.75 -5.78
CA ASN B 141 -4.39 15.76 -4.72
C ASN B 141 -3.12 16.03 -3.92
N PRO B 142 -2.09 16.61 -4.57
CA PRO B 142 -0.92 17.06 -3.80
C PRO B 142 -1.20 18.40 -3.15
N ARG B 143 -0.50 18.73 -2.07
CA ARG B 143 -0.70 20.00 -1.39
C ARG B 143 -0.37 21.16 -2.31
N SER B 144 0.79 21.10 -2.95
CA SER B 144 1.20 22.13 -3.90
C SER B 144 1.81 21.47 -5.15
N LEU B 145 1.67 22.14 -6.29
CA LEU B 145 2.14 21.59 -7.55
C LEU B 145 2.74 22.68 -8.44
N ARG B 146 4.05 22.67 -8.58
CA ARG B 146 4.74 23.63 -9.42
C ARG B 146 5.61 22.92 -10.46
N VAL B 147 6.09 23.68 -11.44
CA VAL B 147 6.86 23.11 -12.54
C VAL B 147 8.23 23.76 -12.69
N CYS B 148 9.26 22.93 -12.86
CA CYS B 148 10.59 23.43 -13.17
C CYS B 148 11.16 22.74 -14.40
N THR B 149 11.40 23.51 -15.45
CA THR B 149 11.98 22.97 -16.68
C THR B 149 13.31 23.64 -17.00
N LEU B 150 14.26 22.85 -17.50
CA LEU B 150 15.57 23.36 -17.85
C LEU B 150 15.50 24.26 -19.08
N LEU B 151 14.68 23.85 -20.06
CA LEU B 151 14.57 24.57 -21.30
C LEU B 151 13.11 24.87 -21.64
N ARG B 152 12.87 26.03 -22.25
CA ARG B 152 11.53 26.41 -22.70
C ARG B 152 11.59 26.94 -24.13
N LYS B 153 10.65 26.50 -24.95
CA LYS B 153 10.59 26.93 -26.35
C LYS B 153 9.46 27.95 -26.56
N PRO B 154 9.57 28.79 -27.61
CA PRO B 154 8.63 29.88 -27.87
C PRO B 154 7.14 29.48 -27.86
N ASP B 155 6.83 28.25 -28.26
CA ASP B 155 5.44 27.82 -28.33
C ASP B 155 4.93 27.26 -27.00
N ALA B 156 5.59 27.65 -25.91
CA ALA B 156 5.18 27.22 -24.57
C ALA B 156 4.56 28.37 -23.80
N VAL B 157 4.17 29.42 -24.51
CA VAL B 157 3.56 30.59 -23.88
C VAL B 157 2.15 30.29 -23.39
N ASN B 160 -0.70 27.18 -21.47
CA ASN B 160 -1.68 26.25 -20.91
C ASN B 160 -1.45 26.02 -19.41
N VAL B 161 -0.28 25.48 -19.07
CA VAL B 161 0.07 25.21 -17.69
C VAL B 161 1.24 26.09 -17.25
N GLU B 162 1.06 26.76 -16.11
CA GLU B 162 2.05 27.72 -15.61
C GLU B 162 3.35 27.03 -15.21
N ILE B 163 4.47 27.66 -15.55
CA ILE B 163 5.79 27.16 -15.18
C ILE B 163 6.48 28.11 -14.21
N ALA B 164 6.76 27.63 -13.01
CA ALA B 164 7.32 28.45 -11.95
C ALA B 164 8.81 28.74 -12.15
N TYR B 165 9.54 27.75 -12.66
CA TYR B 165 10.99 27.88 -12.82
C TYR B 165 11.44 27.48 -14.21
N VAL B 166 12.14 28.40 -14.89
CA VAL B 166 12.67 28.13 -16.21
C VAL B 166 14.18 28.36 -16.25
N GLY B 167 14.91 27.38 -16.75
CA GLY B 167 16.36 27.51 -16.87
C GLY B 167 16.76 28.41 -18.02
N PHE B 168 16.40 28.01 -19.23
CA PHE B 168 16.78 28.75 -20.43
C PHE B 168 15.64 28.86 -21.43
N ASP B 169 15.49 30.04 -22.03
CA ASP B 169 14.60 30.21 -23.16
C ASP B 169 15.38 30.03 -24.46
N ILE B 170 15.14 28.92 -25.14
CA ILE B 170 15.90 28.58 -26.35
C ILE B 170 15.00 28.66 -27.58
N PRO B 171 15.61 28.83 -28.77
CA PRO B 171 14.81 28.82 -30.01
C PRO B 171 14.21 27.45 -30.28
N ASN B 172 13.38 27.37 -31.33
CA ASN B 172 12.62 26.15 -31.60
C ASN B 172 13.43 25.06 -32.31
N ASP B 173 14.73 25.29 -32.45
CA ASP B 173 15.61 24.33 -33.11
C ASP B 173 15.73 23.03 -32.32
N PHE B 174 16.13 21.96 -32.99
CA PHE B 174 16.31 20.66 -32.36
C PHE B 174 17.72 20.55 -31.79
N VAL B 175 17.81 20.37 -30.48
CA VAL B 175 19.10 20.29 -29.80
C VAL B 175 19.28 18.96 -29.09
N VAL B 176 20.53 18.63 -28.75
CA VAL B 176 20.82 17.40 -28.02
C VAL B 176 21.76 17.68 -26.86
N GLY B 177 21.98 16.67 -26.03
CA GLY B 177 22.89 16.78 -24.91
C GLY B 177 22.20 17.01 -23.59
N TYR B 178 22.92 16.66 -22.50
CA TYR B 178 22.42 16.81 -21.14
C TYR B 178 21.02 16.21 -20.96
N GLY B 179 20.87 14.95 -21.37
CA GLY B 179 19.59 14.27 -21.26
C GLY B 179 18.89 14.16 -22.60
N LEU B 180 18.85 15.27 -23.35
CA LEU B 180 18.21 15.30 -24.66
C LEU B 180 18.92 14.36 -25.64
N ASP B 181 18.14 13.64 -26.43
CA ASP B 181 18.70 12.62 -27.30
C ASP B 181 18.31 12.76 -28.76
N TYR B 182 19.06 12.09 -29.62
CA TYR B 182 18.65 11.82 -30.99
C TYR B 182 18.89 10.34 -31.27
N ASP B 183 17.81 9.59 -31.41
CA ASP B 183 17.86 8.14 -31.57
C ASP B 183 18.60 7.51 -30.40
N GLU B 184 18.28 8.01 -29.20
CA GLU B 184 18.81 7.51 -27.93
C GLU B 184 20.32 7.70 -27.78
N ARG B 185 20.89 8.64 -28.52
CA ARG B 185 22.30 8.97 -28.37
C ARG B 185 22.48 10.39 -27.88
N TYR B 186 23.73 10.76 -27.59
CA TYR B 186 24.11 12.12 -27.18
C TYR B 186 23.51 12.55 -25.84
N ARG B 187 22.93 11.61 -25.10
CA ARG B 187 22.40 11.93 -23.77
C ARG B 187 23.52 12.25 -22.79
N ASP B 188 24.66 11.59 -22.97
CA ASP B 188 25.77 11.68 -22.02
C ASP B 188 26.61 12.95 -22.19
N LEU B 189 26.19 13.83 -23.09
CA LEU B 189 26.88 15.11 -23.28
C LEU B 189 26.66 16.03 -22.09
N SER B 190 27.73 16.70 -21.67
CA SER B 190 27.66 17.62 -20.55
C SER B 190 27.13 18.98 -20.97
N TYR B 191 27.11 19.21 -22.27
CA TYR B 191 26.61 20.47 -22.83
C TYR B 191 25.43 20.23 -23.76
N ILE B 192 24.81 21.31 -24.22
CA ILE B 192 23.69 21.24 -25.14
C ILE B 192 24.04 21.98 -26.43
N GLY B 193 23.82 21.32 -27.56
CA GLY B 193 24.16 21.92 -28.84
C GLY B 193 23.37 21.38 -30.00
N THR B 194 23.62 21.94 -31.18
CA THR B 194 22.92 21.54 -32.39
C THR B 194 23.70 20.44 -33.11
N LEU B 195 22.99 19.68 -33.94
CA LEU B 195 23.57 18.51 -34.60
C LEU B 195 23.97 18.81 -36.03
N ASP B 196 25.04 18.17 -36.51
CA ASP B 196 25.45 18.29 -37.90
C ASP B 196 24.42 17.60 -38.79
N PRO B 197 24.04 18.25 -39.90
CA PRO B 197 23.01 17.75 -40.81
C PRO B 197 23.28 16.34 -41.35
N ARG B 198 24.53 15.89 -41.34
CA ARG B 198 24.87 14.58 -41.85
C ARG B 198 24.46 13.46 -40.89
N VAL B 199 24.24 13.81 -39.64
CA VAL B 199 23.83 12.84 -38.62
C VAL B 199 22.46 12.26 -38.91
N TYR B 200 21.56 13.10 -39.45
CA TYR B 200 20.19 12.69 -39.70
C TYR B 200 20.05 11.71 -40.86
N GLN B 201 21.17 11.46 -41.55
CA GLN B 201 21.17 10.53 -42.68
C GLN B 201 21.11 9.08 -42.20
N LEU C 17 -16.23 -28.43 -4.36
CA LEU C 17 -14.99 -27.81 -4.80
C LEU C 17 -14.21 -27.25 -3.61
N TYR C 18 -14.88 -26.43 -2.80
CA TYR C 18 -14.30 -25.93 -1.56
C TYR C 18 -15.18 -26.37 -0.39
N PRO C 19 -14.98 -27.61 0.07
CA PRO C 19 -15.82 -28.26 1.09
C PRO C 19 -15.93 -27.47 2.39
N GLY C 20 -17.16 -27.03 2.71
CA GLY C 20 -17.43 -26.37 3.97
C GLY C 20 -17.08 -24.89 4.01
N ASP C 21 -16.46 -24.39 2.94
CA ASP C 21 -16.03 -23.00 2.89
C ASP C 21 -17.20 -22.06 2.60
N ILE C 22 -18.05 -22.44 1.64
CA ILE C 22 -19.19 -21.62 1.28
C ILE C 22 -20.35 -21.83 2.27
N LYS C 23 -20.69 -20.78 3.00
CA LYS C 23 -21.77 -20.86 3.97
C LYS C 23 -23.13 -20.92 3.29
N SER C 24 -23.50 -19.84 2.62
CA SER C 24 -24.78 -19.77 1.92
C SER C 24 -24.60 -19.30 0.47
N VAL C 25 -25.38 -19.87 -0.44
CA VAL C 25 -25.32 -19.50 -1.85
C VAL C 25 -26.18 -18.27 -2.12
N LEU C 26 -25.58 -17.25 -2.73
CA LEU C 26 -26.28 -16.00 -3.01
C LEU C 26 -26.85 -16.00 -4.43
N LEU C 27 -26.03 -16.36 -5.40
CA LEU C 27 -26.47 -16.36 -6.80
C LEU C 27 -25.95 -17.59 -7.54
N THR C 28 -26.89 -18.38 -8.07
CA THR C 28 -26.52 -19.55 -8.85
C THR C 28 -25.95 -19.15 -10.19
N ALA C 29 -25.26 -20.07 -10.84
CA ALA C 29 -24.71 -19.83 -12.17
C ALA C 29 -25.83 -19.51 -13.16
N GLU C 30 -26.93 -20.26 -13.06
CA GLU C 30 -28.08 -20.08 -13.93
C GLU C 30 -28.63 -18.67 -13.87
N GLN C 31 -28.75 -18.12 -12.66
CA GLN C 31 -29.32 -16.79 -12.48
C GLN C 31 -28.36 -15.71 -12.98
N ILE C 32 -27.06 -15.94 -12.78
CA ILE C 32 -26.04 -15.01 -13.26
C ILE C 32 -26.05 -14.92 -14.79
N GLN C 33 -26.10 -16.07 -15.44
CA GLN C 33 -26.12 -16.11 -16.90
C GLN C 33 -27.41 -15.53 -17.46
N ALA C 34 -28.49 -15.67 -16.71
CA ALA C 34 -29.78 -15.12 -17.14
C ALA C 34 -29.76 -13.60 -17.08
N ARG C 35 -29.22 -13.05 -16.01
CA ARG C 35 -29.17 -11.60 -15.85
C ARG C 35 -28.25 -10.96 -16.88
N ILE C 36 -27.13 -11.61 -17.16
CA ILE C 36 -26.16 -11.11 -18.13
C ILE C 36 -26.74 -11.10 -19.53
N ALA C 37 -27.52 -12.13 -19.87
CA ALA C 37 -28.23 -12.17 -21.14
C ALA C 37 -29.21 -11.01 -21.24
N GLU C 38 -29.81 -10.64 -20.11
CA GLU C 38 -30.72 -9.50 -20.05
C GLU C 38 -29.94 -8.19 -20.15
N LEU C 39 -28.85 -8.09 -19.41
CA LEU C 39 -27.97 -6.92 -19.47
C LEU C 39 -27.43 -6.73 -20.88
N GLY C 40 -26.96 -7.82 -21.48
CA GLY C 40 -26.43 -7.79 -22.82
C GLY C 40 -27.43 -7.26 -23.83
N GLU C 41 -28.68 -7.67 -23.67
CA GLU C 41 -29.75 -7.22 -24.56
C GLU C 41 -30.02 -5.73 -24.38
N GLN C 42 -30.07 -5.30 -23.12
CA GLN C 42 -30.32 -3.89 -22.80
C GLN C 42 -29.20 -2.99 -23.32
N ILE C 43 -27.97 -3.41 -23.07
CA ILE C 43 -26.80 -2.67 -23.53
C ILE C 43 -26.75 -2.64 -25.06
N GLY C 44 -27.13 -3.76 -25.67
CA GLY C 44 -27.17 -3.87 -27.12
C GLY C 44 -28.17 -2.91 -27.75
N ASN C 45 -29.26 -2.65 -27.03
CA ASN C 45 -30.28 -1.73 -27.51
C ASN C 45 -29.84 -0.27 -27.39
N ASP C 46 -29.23 0.07 -26.27
CA ASP C 46 -28.78 1.43 -26.01
C ASP C 46 -27.68 1.85 -26.99
N TYR C 47 -26.80 0.91 -27.33
CA TYR C 47 -25.71 1.19 -28.25
C TYR C 47 -26.00 0.65 -29.65
N ARG C 48 -27.27 0.49 -29.97
CA ARG C 48 -27.68 0.07 -31.30
C ARG C 48 -27.38 1.19 -32.29
N GLU C 49 -26.88 0.81 -33.47
CA GLU C 49 -26.51 1.75 -34.52
C GLU C 49 -25.44 2.74 -34.05
N LEU C 50 -24.58 2.29 -33.15
CA LEU C 50 -23.43 3.08 -32.72
C LEU C 50 -22.23 2.76 -33.60
N SER C 51 -22.15 1.50 -34.03
CA SER C 51 -21.12 1.06 -34.96
C SER C 51 -21.48 1.49 -36.37
N ALA C 52 -22.76 1.77 -36.59
CA ALA C 52 -23.25 2.24 -37.87
C ALA C 52 -23.06 3.75 -38.00
N THR C 53 -23.03 4.43 -36.86
CA THR C 53 -22.86 5.87 -36.83
C THR C 53 -21.39 6.27 -36.72
N THR C 54 -20.78 5.93 -35.58
CA THR C 54 -19.40 6.29 -35.32
C THR C 54 -18.42 5.47 -36.18
N GLY C 55 -18.75 4.22 -36.42
CA GLY C 55 -17.90 3.34 -37.19
C GLY C 55 -16.87 2.64 -36.33
N GLN C 56 -17.12 2.61 -35.03
CA GLN C 56 -16.22 1.97 -34.07
C GLN C 56 -17.02 1.16 -33.06
N ASP C 57 -16.50 -0.02 -32.71
CA ASP C 57 -17.20 -0.93 -31.80
C ASP C 57 -17.29 -0.37 -30.39
N LEU C 58 -18.20 -0.92 -29.60
CA LEU C 58 -18.31 -0.56 -28.19
C LEU C 58 -17.08 -1.07 -27.45
N LEU C 59 -16.48 -0.23 -26.62
CA LEU C 59 -15.25 -0.60 -25.94
C LEU C 59 -15.49 -0.96 -24.48
N LEU C 60 -15.20 -2.21 -24.13
CA LEU C 60 -15.34 -2.68 -22.76
C LEU C 60 -14.01 -2.55 -22.02
N ILE C 61 -14.02 -1.78 -20.93
CA ILE C 61 -12.83 -1.59 -20.11
C ILE C 61 -12.98 -2.27 -18.76
N THR C 62 -12.06 -3.18 -18.45
CA THR C 62 -12.16 -3.98 -17.24
C THR C 62 -10.86 -3.98 -16.44
N VAL C 63 -10.96 -3.75 -15.14
CA VAL C 63 -9.82 -3.83 -14.25
C VAL C 63 -9.56 -5.27 -13.81
N LEU C 64 -8.32 -5.73 -14.00
CA LEU C 64 -7.90 -7.07 -13.62
C LEU C 64 -7.97 -7.27 -12.10
N LYS C 65 -8.37 -8.47 -11.66
CA LYS C 65 -8.76 -9.54 -12.56
C LYS C 65 -10.03 -10.25 -12.09
N GLY C 66 -10.81 -9.57 -11.25
CA GLY C 66 -12.03 -10.15 -10.71
C GLY C 66 -13.19 -10.16 -11.69
N ALA C 67 -13.26 -9.13 -12.53
CA ALA C 67 -14.39 -8.99 -13.44
C ALA C 67 -14.10 -9.59 -14.82
N VAL C 68 -13.05 -10.41 -14.90
CA VAL C 68 -12.68 -11.03 -16.16
C VAL C 68 -13.69 -12.13 -16.53
N LEU C 69 -14.13 -12.88 -15.52
CA LEU C 69 -15.19 -13.87 -15.70
C LEU C 69 -16.45 -13.20 -16.24
N PHE C 70 -16.78 -12.04 -15.66
CA PHE C 70 -18.01 -11.33 -15.98
C PHE C 70 -17.96 -10.66 -17.36
N VAL C 71 -16.82 -10.09 -17.73
CA VAL C 71 -16.72 -9.37 -18.99
C VAL C 71 -16.68 -10.32 -20.18
N THR C 72 -16.18 -11.53 -19.98
CA THR C 72 -16.15 -12.51 -21.07
C THR C 72 -17.55 -13.01 -21.41
N ASP C 73 -18.38 -13.16 -20.38
CA ASP C 73 -19.77 -13.60 -20.57
C ASP C 73 -20.62 -12.46 -21.11
N LEU C 74 -20.37 -11.25 -20.61
CA LEU C 74 -21.15 -10.09 -21.01
C LEU C 74 -20.94 -9.73 -22.48
N ALA C 75 -19.67 -9.77 -22.92
CA ALA C 75 -19.33 -9.42 -24.29
C ALA C 75 -20.03 -10.32 -25.31
N ARG C 76 -20.17 -11.59 -24.95
CA ARG C 76 -20.86 -12.55 -25.81
C ARG C 76 -22.37 -12.37 -25.75
N ALA C 77 -22.85 -11.72 -24.68
CA ALA C 77 -24.28 -11.51 -24.47
C ALA C 77 -24.77 -10.21 -25.12
N ILE C 78 -23.84 -9.35 -25.51
CA ILE C 78 -24.18 -8.08 -26.15
C ILE C 78 -24.21 -8.24 -27.67
N PRO C 79 -25.40 -8.04 -28.29
CA PRO C 79 -25.61 -8.29 -29.71
C PRO C 79 -25.01 -7.23 -30.64
N VAL C 80 -24.12 -6.40 -30.13
CA VAL C 80 -23.38 -5.46 -30.96
C VAL C 80 -21.89 -5.72 -30.81
N PRO C 81 -21.09 -5.38 -31.84
CA PRO C 81 -19.64 -5.54 -31.79
C PRO C 81 -19.00 -4.87 -30.58
N THR C 82 -18.23 -5.64 -29.82
CA THR C 82 -17.54 -5.10 -28.64
C THR C 82 -16.07 -5.51 -28.64
N GLN C 83 -15.24 -4.68 -27.99
CA GLN C 83 -13.82 -4.97 -27.87
C GLN C 83 -13.39 -4.99 -26.40
N PHE C 84 -12.21 -5.54 -26.14
CA PHE C 84 -11.72 -5.66 -24.77
C PHE C 84 -10.54 -4.73 -24.48
N GLU C 85 -10.56 -4.13 -23.30
CA GLU C 85 -9.42 -3.38 -22.78
C GLU C 85 -9.24 -3.68 -21.31
N PHE C 86 -8.01 -4.01 -20.91
CA PHE C 86 -7.73 -4.41 -19.54
C PHE C 86 -6.76 -3.46 -18.84
N MET C 87 -6.94 -3.31 -17.54
CA MET C 87 -6.01 -2.54 -16.70
C MET C 87 -5.59 -3.32 -15.47
N ALA C 88 -4.29 -3.36 -15.20
CA ALA C 88 -3.79 -3.94 -13.98
C ALA C 88 -3.41 -2.82 -13.00
N VAL C 89 -3.97 -2.88 -11.79
CA VAL C 89 -3.77 -1.82 -10.82
C VAL C 89 -3.27 -2.32 -9.46
N SER C 90 -3.05 -1.37 -8.55
CA SER C 90 -2.63 -1.66 -7.19
C SER C 90 -3.03 -0.50 -6.29
N SER C 91 -2.98 -0.72 -4.98
CA SER C 91 -3.33 0.34 -4.03
C SER C 91 -2.09 0.88 -3.32
N TYR C 92 -2.04 2.20 -3.16
CA TYR C 92 -0.94 2.82 -2.43
C TYR C 92 -1.10 2.60 -0.93
N GLY C 100 -9.33 4.91 -2.87
CA GLY C 100 -9.35 5.74 -4.06
C GLY C 100 -7.97 5.96 -4.64
N VAL C 101 -6.94 5.65 -3.86
CA VAL C 101 -5.56 5.80 -4.31
C VAL C 101 -5.09 4.58 -5.08
N VAL C 102 -4.97 4.72 -6.39
CA VAL C 102 -4.70 3.58 -7.26
C VAL C 102 -3.43 3.75 -8.09
N ARG C 103 -2.56 2.75 -8.04
CA ARG C 103 -1.36 2.73 -8.88
C ARG C 103 -1.57 1.87 -10.12
N ILE C 104 -1.26 2.42 -11.29
CA ILE C 104 -1.41 1.68 -12.54
C ILE C 104 -0.19 0.81 -12.83
N LEU C 105 -0.40 -0.49 -12.88
CA LEU C 105 0.65 -1.44 -13.21
C LEU C 105 0.69 -1.70 -14.71
N LYS C 106 -0.50 -1.76 -15.31
CA LYS C 106 -0.63 -1.88 -16.76
C LYS C 106 -1.74 -0.98 -17.26
N ASP C 107 -1.37 0.01 -18.05
CA ASP C 107 -2.34 0.96 -18.61
C ASP C 107 -3.06 0.34 -19.80
N LEU C 108 -4.02 1.08 -20.37
CA LEU C 108 -4.70 0.66 -21.57
C LEU C 108 -3.71 0.55 -22.73
N ASP C 109 -4.01 -0.31 -23.69
CA ASP C 109 -3.13 -0.51 -24.84
C ASP C 109 -3.32 0.57 -25.91
N ARG C 110 -4.52 1.12 -25.99
CA ARG C 110 -4.83 2.10 -27.02
C ARG C 110 -5.41 3.39 -26.44
N ASP C 111 -5.52 4.40 -27.29
CA ASP C 111 -6.11 5.68 -26.91
C ASP C 111 -7.63 5.64 -27.09
N ILE C 112 -8.36 5.89 -26.01
CA ILE C 112 -9.82 5.78 -26.04
C ILE C 112 -10.50 7.10 -26.40
N HIS C 113 -9.74 8.02 -26.98
CA HIS C 113 -10.28 9.32 -27.38
C HIS C 113 -11.34 9.16 -28.47
N GLY C 114 -12.54 9.67 -28.21
CA GLY C 114 -13.62 9.62 -29.18
C GLY C 114 -14.30 8.27 -29.24
N ARG C 115 -13.90 7.35 -28.36
CA ARG C 115 -14.47 6.02 -28.30
C ARG C 115 -15.63 5.96 -27.33
N ASP C 116 -16.64 5.16 -27.66
CA ASP C 116 -17.72 4.88 -26.73
C ASP C 116 -17.27 3.83 -25.74
N VAL C 117 -17.17 4.21 -24.47
CA VAL C 117 -16.57 3.35 -23.47
C VAL C 117 -17.55 2.89 -22.40
N LEU C 118 -17.55 1.60 -22.10
CA LEU C 118 -18.34 1.04 -21.01
C LEU C 118 -17.42 0.41 -19.97
N ILE C 119 -17.45 0.93 -18.76
CA ILE C 119 -16.67 0.37 -17.66
C ILE C 119 -17.37 -0.85 -17.08
N VAL C 120 -16.65 -1.98 -17.03
CA VAL C 120 -17.22 -3.21 -16.53
C VAL C 120 -16.60 -3.59 -15.19
N GLU C 121 -17.37 -3.43 -14.13
CA GLU C 121 -16.91 -3.75 -12.77
C GLU C 121 -17.57 -5.02 -12.24
N ASP C 122 -16.92 -5.64 -11.26
CA ASP C 122 -17.47 -6.82 -10.61
C ASP C 122 -18.35 -6.44 -9.43
N VAL C 123 -17.79 -5.64 -8.53
CA VAL C 123 -18.51 -5.19 -7.34
C VAL C 123 -18.25 -3.70 -7.09
N VAL C 124 -19.31 -2.95 -6.85
CA VAL C 124 -19.19 -1.57 -6.41
C VAL C 124 -19.72 -1.44 -4.99
N ASP C 125 -18.83 -1.10 -4.07
CA ASP C 125 -19.19 -1.00 -2.65
C ASP C 125 -19.15 0.44 -2.18
N SER C 126 -17.95 0.96 -1.94
CA SER C 126 -17.80 2.34 -1.48
C SER C 126 -17.82 3.31 -2.66
N GLY C 127 -17.51 2.80 -3.85
CA GLY C 127 -17.45 3.61 -5.05
C GLY C 127 -16.11 4.31 -5.24
N LEU C 128 -15.18 4.07 -4.31
CA LEU C 128 -13.86 4.71 -4.37
C LEU C 128 -13.04 4.23 -5.56
N THR C 129 -13.12 2.93 -5.83
CA THR C 129 -12.44 2.35 -7.00
C THR C 129 -13.01 2.95 -8.28
N LEU C 130 -14.34 3.05 -8.33
CA LEU C 130 -15.03 3.55 -9.50
C LEU C 130 -14.81 5.05 -9.71
N SER C 131 -14.77 5.80 -8.61
CA SER C 131 -14.56 7.25 -8.69
C SER C 131 -13.18 7.60 -9.26
N TRP C 132 -12.19 6.76 -8.98
CA TRP C 132 -10.85 6.96 -9.54
C TRP C 132 -10.83 6.60 -11.02
N LEU C 133 -11.42 5.45 -11.35
CA LEU C 133 -11.40 4.94 -12.71
C LEU C 133 -12.19 5.85 -13.65
N SER C 134 -13.30 6.36 -13.15
CA SER C 134 -14.14 7.28 -13.91
C SER C 134 -13.35 8.55 -14.25
N ARG C 135 -12.63 9.08 -13.27
CA ARG C 135 -11.85 10.28 -13.45
C ARG C 135 -10.68 10.04 -14.40
N ASN C 136 -10.03 8.89 -14.24
CA ASN C 136 -8.87 8.55 -15.06
C ASN C 136 -9.22 8.37 -16.54
N LEU C 137 -10.41 7.82 -16.79
CA LEU C 137 -10.82 7.53 -18.16
C LEU C 137 -11.42 8.76 -18.84
N THR C 138 -12.09 9.60 -18.07
CA THR C 138 -12.69 10.82 -18.62
C THR C 138 -11.62 11.85 -18.97
N SER C 139 -10.43 11.69 -18.40
CA SER C 139 -9.30 12.56 -18.74
C SER C 139 -8.72 12.20 -20.10
N ARG C 140 -9.09 11.02 -20.60
CA ARG C 140 -8.64 10.57 -21.91
C ARG C 140 -9.65 10.96 -22.97
N ASN C 141 -10.67 11.69 -22.55
CA ASN C 141 -11.69 12.24 -23.44
C ASN C 141 -12.37 11.23 -24.37
N PRO C 142 -13.13 10.28 -23.81
CA PRO C 142 -13.90 9.38 -24.66
C PRO C 142 -15.18 10.06 -25.15
N ARG C 143 -15.80 9.52 -26.20
CA ARG C 143 -17.03 10.09 -26.73
C ARG C 143 -18.15 9.97 -25.71
N SER C 144 -18.17 8.84 -24.99
CA SER C 144 -19.13 8.62 -23.93
C SER C 144 -18.56 7.62 -22.93
N LEU C 145 -19.08 7.64 -21.70
CA LEU C 145 -18.57 6.79 -20.64
C LEU C 145 -19.67 6.39 -19.69
N ARG C 146 -20.02 5.11 -19.70
CA ARG C 146 -21.02 4.56 -18.80
C ARG C 146 -20.44 3.39 -18.01
N VAL C 147 -21.14 2.99 -16.95
CA VAL C 147 -20.67 1.94 -16.06
C VAL C 147 -21.65 0.77 -15.97
N CYS C 148 -21.12 -0.45 -16.02
CA CYS C 148 -21.91 -1.64 -15.77
C CYS C 148 -21.24 -2.51 -14.71
N THR C 149 -21.91 -2.68 -13.58
CA THR C 149 -21.37 -3.51 -12.52
C THR C 149 -22.28 -4.72 -12.24
N LEU C 150 -21.66 -5.86 -11.95
CA LEU C 150 -22.41 -7.06 -11.67
C LEU C 150 -23.08 -6.99 -10.31
N LEU C 151 -22.32 -6.58 -9.29
CA LEU C 151 -22.83 -6.49 -7.93
C LEU C 151 -22.76 -5.06 -7.42
N ARG C 152 -23.82 -4.62 -6.76
CA ARG C 152 -23.84 -3.32 -6.11
C ARG C 152 -24.24 -3.45 -4.65
N LYS C 153 -23.38 -2.96 -3.77
CA LYS C 153 -23.63 -3.01 -2.33
C LYS C 153 -24.31 -1.73 -1.85
N PRO C 154 -24.99 -1.78 -0.69
CA PRO C 154 -25.78 -0.64 -0.21
C PRO C 154 -24.99 0.65 0.03
N ASP C 155 -23.68 0.55 0.27
CA ASP C 155 -22.88 1.74 0.53
C ASP C 155 -22.62 2.56 -0.73
N ALA C 156 -22.95 1.99 -1.89
CA ALA C 156 -22.72 2.65 -3.17
C ALA C 156 -23.66 3.83 -3.38
N VAL C 157 -24.68 3.93 -2.53
CA VAL C 157 -25.66 5.01 -2.63
C VAL C 157 -25.02 6.34 -2.22
N HIS C 158 -23.92 6.27 -1.48
CA HIS C 158 -23.22 7.46 -1.02
C HIS C 158 -22.16 7.88 -2.03
N ALA C 159 -21.93 7.06 -3.04
CA ALA C 159 -20.99 7.39 -4.11
C ALA C 159 -21.60 8.43 -5.03
N ASN C 160 -20.81 8.94 -5.97
CA ASN C 160 -21.27 10.03 -6.83
C ASN C 160 -21.10 9.73 -8.32
N VAL C 161 -20.65 8.53 -8.65
CA VAL C 161 -20.52 8.13 -10.04
C VAL C 161 -21.75 7.33 -10.48
N GLU C 162 -22.48 7.86 -11.46
CA GLU C 162 -23.71 7.24 -11.92
C GLU C 162 -23.45 5.88 -12.56
N ILE C 163 -24.24 4.89 -12.16
CA ILE C 163 -24.13 3.55 -12.72
C ILE C 163 -25.37 3.23 -13.55
N ALA C 164 -25.18 3.06 -14.85
CA ALA C 164 -26.29 2.86 -15.78
C ALA C 164 -26.82 1.43 -15.74
N TYR C 165 -25.92 0.48 -15.55
CA TYR C 165 -26.30 -0.93 -15.57
C TYR C 165 -25.87 -1.67 -14.30
N VAL C 166 -26.84 -2.22 -13.59
CA VAL C 166 -26.57 -2.96 -12.37
C VAL C 166 -27.13 -4.38 -12.49
N GLY C 167 -26.26 -5.37 -12.28
CA GLY C 167 -26.68 -6.76 -12.30
C GLY C 167 -27.57 -7.10 -11.13
N PHE C 168 -27.02 -7.02 -9.92
CA PHE C 168 -27.75 -7.36 -8.72
C PHE C 168 -27.50 -6.39 -7.57
N ASP C 169 -28.54 -6.10 -6.80
CA ASP C 169 -28.40 -5.36 -5.56
C ASP C 169 -28.33 -6.33 -4.39
N ILE C 170 -27.15 -6.46 -3.79
CA ILE C 170 -26.94 -7.42 -2.72
C ILE C 170 -26.75 -6.71 -1.38
N PRO C 171 -26.93 -7.44 -0.27
CA PRO C 171 -26.66 -6.86 1.06
C PRO C 171 -25.16 -6.68 1.33
N ASN C 172 -24.85 -5.96 2.40
CA ASN C 172 -23.47 -5.60 2.74
C ASN C 172 -22.73 -6.76 3.43
N ASP C 173 -22.61 -7.88 2.73
CA ASP C 173 -21.85 -9.02 3.22
C ASP C 173 -20.76 -9.41 2.23
N PHE C 174 -19.66 -9.97 2.73
CA PHE C 174 -18.55 -10.37 1.88
C PHE C 174 -18.88 -11.64 1.11
N VAL C 175 -18.86 -11.55 -0.22
CA VAL C 175 -19.19 -12.70 -1.07
C VAL C 175 -17.99 -13.12 -1.91
N VAL C 176 -17.97 -14.39 -2.29
CA VAL C 176 -16.90 -14.92 -3.13
C VAL C 176 -17.48 -15.66 -4.32
N GLY C 177 -16.63 -15.94 -5.30
CA GLY C 177 -17.05 -16.70 -6.47
C GLY C 177 -17.22 -15.84 -7.71
N TYR C 178 -17.21 -16.49 -8.87
CA TYR C 178 -17.39 -15.83 -10.15
C TYR C 178 -16.45 -14.62 -10.29
N GLY C 179 -15.19 -14.83 -9.96
CA GLY C 179 -14.20 -13.77 -10.04
C GLY C 179 -13.81 -13.18 -8.69
N LEU C 180 -14.79 -13.01 -7.81
CA LEU C 180 -14.54 -12.47 -6.48
C LEU C 180 -13.75 -13.47 -5.63
N ASP C 181 -12.89 -12.96 -4.75
CA ASP C 181 -11.94 -13.82 -4.06
C ASP C 181 -11.74 -13.54 -2.58
N TYR C 182 -10.97 -14.40 -1.94
CA TYR C 182 -10.46 -14.20 -0.59
C TYR C 182 -9.11 -14.88 -0.51
N ASP C 183 -8.06 -14.08 -0.42
CA ASP C 183 -6.69 -14.56 -0.53
C ASP C 183 -6.63 -15.36 -1.80
N GLU C 184 -6.88 -14.67 -2.90
CA GLU C 184 -6.71 -15.19 -4.25
C GLU C 184 -7.33 -16.57 -4.50
N ARG C 185 -8.43 -16.88 -3.84
CA ARG C 185 -9.11 -18.15 -4.03
C ARG C 185 -10.58 -17.95 -4.35
N TYR C 186 -11.27 -19.05 -4.66
CA TYR C 186 -12.71 -19.06 -4.95
C TYR C 186 -13.09 -18.29 -6.22
N ARG C 187 -12.10 -17.83 -6.98
CA ARG C 187 -12.39 -17.08 -8.20
C ARG C 187 -13.02 -17.95 -9.28
N ASP C 188 -12.61 -19.22 -9.32
CA ASP C 188 -13.03 -20.12 -10.39
C ASP C 188 -14.43 -20.67 -10.18
N LEU C 189 -15.10 -20.21 -9.12
CA LEU C 189 -16.44 -20.66 -8.80
C LEU C 189 -17.45 -20.18 -9.85
N SER C 190 -18.40 -21.03 -10.20
CA SER C 190 -19.40 -20.70 -11.21
C SER C 190 -20.56 -19.90 -10.61
N TYR C 191 -20.59 -19.82 -9.28
CA TYR C 191 -21.66 -19.14 -8.58
C TYR C 191 -21.09 -18.19 -7.52
N ILE C 192 -21.97 -17.37 -6.94
CA ILE C 192 -21.57 -16.44 -5.89
C ILE C 192 -22.23 -16.80 -4.57
N GLY C 193 -21.43 -16.90 -3.52
CA GLY C 193 -21.95 -17.25 -2.21
C GLY C 193 -21.18 -16.59 -1.08
N THR C 194 -21.76 -16.62 0.11
CA THR C 194 -21.12 -16.04 1.28
C THR C 194 -20.05 -16.99 1.82
N LEU C 195 -19.18 -16.46 2.68
CA LEU C 195 -18.07 -17.23 3.23
C LEU C 195 -18.24 -17.48 4.73
N ASP C 196 -17.75 -18.64 5.19
CA ASP C 196 -17.78 -19.01 6.59
C ASP C 196 -16.37 -18.84 7.16
N PRO C 197 -16.27 -18.21 8.34
CA PRO C 197 -15.05 -17.99 9.13
C PRO C 197 -13.90 -18.94 8.81
N ARG C 198 -13.10 -18.57 7.82
CA ARG C 198 -11.95 -19.35 7.40
C ARG C 198 -10.71 -18.48 7.34
N GLY D 20 -21.91 -9.17 -42.49
CA GLY D 20 -21.25 -10.44 -42.34
C GLY D 20 -19.86 -10.45 -42.94
N ASP D 21 -18.84 -10.61 -42.10
CA ASP D 21 -17.46 -10.63 -42.54
C ASP D 21 -16.81 -11.99 -42.26
N ILE D 22 -17.60 -12.93 -41.77
CA ILE D 22 -17.12 -14.28 -41.51
C ILE D 22 -17.43 -15.17 -42.71
N LYS D 23 -16.40 -15.85 -43.23
CA LYS D 23 -16.56 -16.72 -44.39
C LYS D 23 -17.33 -17.99 -44.04
N SER D 24 -16.97 -18.61 -42.92
CA SER D 24 -17.62 -19.83 -42.48
C SER D 24 -17.35 -20.09 -41.00
N VAL D 25 -18.22 -20.86 -40.37
CA VAL D 25 -18.06 -21.22 -38.96
C VAL D 25 -17.24 -22.49 -38.81
N LEU D 26 -16.03 -22.36 -38.28
CA LEU D 26 -15.13 -23.50 -38.11
C LEU D 26 -15.52 -24.31 -36.88
N LEU D 27 -15.60 -23.65 -35.74
CA LEU D 27 -16.00 -24.31 -34.49
C LEU D 27 -17.16 -23.56 -33.85
N THR D 28 -18.28 -24.25 -33.68
CA THR D 28 -19.46 -23.63 -33.09
C THR D 28 -19.32 -23.48 -31.59
N ALA D 29 -20.16 -22.65 -30.99
CA ALA D 29 -20.15 -22.43 -29.55
C ALA D 29 -20.51 -23.69 -28.79
N GLU D 30 -21.32 -24.54 -29.40
CA GLU D 30 -21.74 -25.78 -28.76
C GLU D 30 -20.60 -26.80 -28.74
N GLN D 31 -19.81 -26.83 -29.81
CA GLN D 31 -18.63 -27.70 -29.87
C GLN D 31 -17.59 -27.30 -28.83
N ILE D 32 -17.31 -26.00 -28.78
CA ILE D 32 -16.28 -25.46 -27.89
C ILE D 32 -16.61 -25.74 -26.42
N GLN D 33 -17.83 -25.41 -26.02
CA GLN D 33 -18.28 -25.64 -24.66
C GLN D 33 -18.27 -27.13 -24.30
N ALA D 34 -18.51 -27.97 -25.30
CA ALA D 34 -18.53 -29.42 -25.08
C ALA D 34 -17.12 -29.97 -24.90
N ARG D 35 -16.16 -29.40 -25.63
CA ARG D 35 -14.77 -29.85 -25.55
C ARG D 35 -14.10 -29.41 -24.26
N ILE D 36 -14.38 -28.17 -23.84
CA ILE D 36 -13.78 -27.62 -22.62
C ILE D 36 -14.24 -28.42 -21.40
N ALA D 37 -15.48 -28.88 -21.42
CA ALA D 37 -16.00 -29.73 -20.37
C ALA D 37 -15.20 -31.04 -20.29
N GLU D 38 -14.79 -31.54 -21.45
CA GLU D 38 -13.97 -32.74 -21.52
C GLU D 38 -12.56 -32.47 -21.00
N LEU D 39 -11.99 -31.34 -21.43
CA LEU D 39 -10.67 -30.93 -20.98
C LEU D 39 -10.64 -30.71 -19.47
N GLY D 40 -11.75 -30.18 -18.94
CA GLY D 40 -11.87 -29.92 -17.52
C GLY D 40 -11.64 -31.17 -16.68
N GLU D 41 -12.35 -32.24 -17.01
CA GLU D 41 -12.24 -33.50 -16.27
C GLU D 41 -10.87 -34.14 -16.47
N GLN D 42 -10.37 -34.10 -17.70
CA GLN D 42 -9.05 -34.67 -18.01
C GLN D 42 -7.96 -33.97 -17.20
N ILE D 43 -8.06 -32.65 -17.08
CA ILE D 43 -7.16 -31.86 -16.25
C ILE D 43 -7.45 -32.07 -14.77
N GLY D 44 -8.74 -32.06 -14.44
CA GLY D 44 -9.20 -32.20 -13.07
C GLY D 44 -8.84 -33.51 -12.40
N ASN D 45 -8.43 -34.51 -13.18
CA ASN D 45 -8.08 -35.82 -12.62
C ASN D 45 -6.59 -36.10 -12.73
N ASP D 46 -5.90 -35.34 -13.57
CA ASP D 46 -4.44 -35.31 -13.55
C ASP D 46 -4.00 -34.53 -12.32
N TYR D 47 -4.87 -33.63 -11.86
CA TYR D 47 -4.57 -32.79 -10.72
C TYR D 47 -5.54 -32.94 -9.53
N ARG D 48 -6.16 -34.09 -9.34
CA ARG D 48 -7.20 -34.18 -8.31
C ARG D 48 -6.63 -34.46 -6.91
N GLU D 49 -5.37 -34.90 -6.84
CA GLU D 49 -4.73 -35.12 -5.54
C GLU D 49 -4.03 -33.84 -5.09
N ALA D 52 -6.01 -31.95 -1.38
CA ALA D 52 -4.80 -31.97 -2.18
C ALA D 52 -3.59 -32.34 -1.34
N THR D 53 -2.45 -32.56 -1.98
CA THR D 53 -1.23 -32.94 -1.29
C THR D 53 -0.34 -31.74 -0.98
N THR D 54 -0.23 -30.82 -1.93
CA THR D 54 0.65 -29.67 -1.78
C THR D 54 -0.01 -28.55 -1.01
N GLY D 55 -1.34 -28.57 -0.94
CA GLY D 55 -2.09 -27.55 -0.24
C GLY D 55 -2.22 -26.27 -1.05
N GLN D 56 -1.71 -26.29 -2.28
CA GLN D 56 -1.79 -25.14 -3.16
C GLN D 56 -2.59 -25.47 -4.41
N ASP D 57 -3.38 -24.51 -4.87
CA ASP D 57 -4.27 -24.72 -6.00
C ASP D 57 -3.53 -24.69 -7.33
N LEU D 58 -4.14 -25.31 -8.35
CA LEU D 58 -3.61 -25.26 -9.70
C LEU D 58 -3.59 -23.83 -10.22
N LEU D 59 -2.44 -23.39 -10.70
CA LEU D 59 -2.30 -22.02 -11.19
C LEU D 59 -2.38 -21.95 -12.70
N LEU D 60 -3.34 -21.17 -13.20
CA LEU D 60 -3.51 -20.98 -14.63
C LEU D 60 -2.88 -19.66 -15.08
N ILE D 61 -1.83 -19.76 -15.90
CA ILE D 61 -1.16 -18.56 -16.39
C ILE D 61 -1.48 -18.32 -17.86
N THR D 62 -2.03 -17.14 -18.14
CA THR D 62 -2.43 -16.78 -19.49
C THR D 62 -1.84 -15.44 -19.91
N VAL D 63 -1.35 -15.37 -21.15
CA VAL D 63 -0.86 -14.12 -21.71
C VAL D 63 -2.02 -13.37 -22.39
N LEU D 64 -2.22 -12.13 -21.98
CA LEU D 64 -3.27 -11.28 -22.55
C LEU D 64 -3.07 -11.05 -24.05
N LYS D 65 -4.15 -11.07 -24.82
CA LYS D 65 -5.49 -11.33 -24.29
C LYS D 65 -6.30 -12.24 -25.20
N GLY D 66 -5.61 -13.19 -25.85
CA GLY D 66 -6.25 -14.08 -26.79
C GLY D 66 -6.96 -15.25 -26.13
N ALA D 67 -6.41 -15.72 -25.02
CA ALA D 67 -6.96 -16.89 -24.34
C ALA D 67 -7.79 -16.50 -23.12
N VAL D 68 -8.24 -15.25 -23.09
CA VAL D 68 -9.03 -14.75 -21.96
C VAL D 68 -10.40 -15.43 -21.91
N LEU D 69 -11.06 -15.51 -23.06
CA LEU D 69 -12.33 -16.21 -23.16
C LEU D 69 -12.17 -17.68 -22.78
N PHE D 70 -11.07 -18.26 -23.21
CA PHE D 70 -10.81 -19.68 -23.00
C PHE D 70 -10.50 -20.02 -21.55
N VAL D 71 -9.75 -19.16 -20.87
CA VAL D 71 -9.31 -19.44 -19.52
C VAL D 71 -10.45 -19.26 -18.51
N THR D 72 -11.38 -18.37 -18.81
CA THR D 72 -12.52 -18.15 -17.91
C THR D 72 -13.47 -19.35 -17.96
N ASP D 73 -13.59 -19.96 -19.13
CA ASP D 73 -14.45 -21.13 -19.28
C ASP D 73 -13.76 -22.39 -18.79
N LEU D 74 -12.46 -22.50 -19.07
CA LEU D 74 -11.68 -23.65 -18.67
C LEU D 74 -11.61 -23.78 -17.15
N ALA D 75 -11.32 -22.67 -16.48
CA ALA D 75 -11.20 -22.66 -15.02
C ALA D 75 -12.49 -23.07 -14.33
N ARG D 76 -13.62 -22.72 -14.94
CA ARG D 76 -14.93 -23.10 -14.41
C ARG D 76 -15.24 -24.55 -14.76
N ALA D 77 -14.56 -25.09 -15.76
CA ALA D 77 -14.81 -26.45 -16.21
C ALA D 77 -13.92 -27.47 -15.48
N ILE D 78 -12.86 -26.97 -14.85
CA ILE D 78 -11.98 -27.83 -14.08
C ILE D 78 -12.56 -28.08 -12.69
N PRO D 79 -12.82 -29.35 -12.36
CA PRO D 79 -13.43 -29.75 -11.08
C PRO D 79 -12.48 -29.71 -9.89
N VAL D 80 -11.34 -29.04 -10.03
CA VAL D 80 -10.44 -28.80 -8.90
C VAL D 80 -10.24 -27.30 -8.76
N PRO D 81 -9.88 -26.84 -7.55
CA PRO D 81 -9.61 -25.42 -7.33
C PRO D 81 -8.51 -24.89 -8.24
N THR D 82 -8.81 -23.84 -9.01
CA THR D 82 -7.83 -23.24 -9.90
C THR D 82 -7.73 -21.73 -9.66
N GLN D 83 -6.51 -21.20 -9.70
CA GLN D 83 -6.29 -19.77 -9.50
C GLN D 83 -5.84 -19.10 -10.79
N PHE D 84 -6.03 -17.78 -10.86
CA PHE D 84 -5.76 -17.04 -12.09
C PHE D 84 -4.47 -16.23 -12.04
N GLU D 85 -3.76 -16.23 -13.16
CA GLU D 85 -2.56 -15.41 -13.32
C GLU D 85 -2.53 -14.88 -14.75
N PHE D 86 -2.39 -13.57 -14.89
CA PHE D 86 -2.35 -12.96 -16.21
C PHE D 86 -0.99 -12.33 -16.48
N MET D 87 -0.60 -12.33 -17.76
CA MET D 87 0.63 -11.66 -18.19
C MET D 87 0.36 -10.81 -19.42
N ALA D 88 1.02 -9.66 -19.48
CA ALA D 88 0.95 -8.79 -20.65
C ALA D 88 2.33 -8.61 -21.26
N VAL D 89 2.48 -9.01 -22.51
CA VAL D 89 3.77 -8.97 -23.18
C VAL D 89 3.70 -8.21 -24.50
N SER D 90 4.60 -7.25 -24.67
CA SER D 90 4.71 -6.53 -25.93
C SER D 90 5.93 -7.02 -26.69
N SER D 91 6.09 -6.53 -27.92
CA SER D 91 7.22 -6.93 -28.76
C SER D 91 8.11 -5.73 -29.06
N TYR D 92 9.38 -6.00 -29.36
CA TYR D 92 10.33 -4.95 -29.69
C TYR D 92 10.33 -4.67 -31.20
N VAL D 102 8.37 -10.55 -25.84
CA VAL D 102 9.63 -10.70 -25.12
C VAL D 102 9.87 -9.43 -24.27
N ARG D 103 8.93 -8.49 -24.41
CA ARG D 103 8.86 -7.34 -23.51
C ARG D 103 7.69 -7.44 -22.51
N ILE D 104 8.00 -7.67 -21.24
CA ILE D 104 6.99 -7.82 -20.20
C ILE D 104 6.37 -6.48 -19.83
N LEU D 105 5.06 -6.35 -20.07
CA LEU D 105 4.34 -5.12 -19.77
C LEU D 105 3.54 -5.28 -18.47
N LYS D 106 3.39 -6.52 -18.02
CA LYS D 106 2.82 -6.81 -16.71
C LYS D 106 3.19 -8.23 -16.27
N ASP D 107 4.02 -8.32 -15.24
CA ASP D 107 4.51 -9.59 -14.72
C ASP D 107 3.46 -10.27 -13.84
N LEU D 108 3.77 -11.47 -13.37
CA LEU D 108 2.91 -12.19 -12.43
C LEU D 108 2.78 -11.40 -11.13
N ASP D 109 1.63 -11.51 -10.48
CA ASP D 109 1.40 -10.83 -9.21
C ASP D 109 2.22 -11.48 -8.08
N ARG D 110 2.31 -12.80 -8.11
CA ARG D 110 3.01 -13.54 -7.07
C ARG D 110 4.07 -14.47 -7.65
N ASP D 111 4.92 -15.00 -6.77
CA ASP D 111 5.98 -15.91 -7.18
C ASP D 111 5.43 -17.33 -7.36
N ILE D 112 5.67 -17.92 -8.53
CA ILE D 112 5.13 -19.24 -8.84
C ILE D 112 6.08 -20.36 -8.45
N HIS D 113 6.98 -20.09 -7.50
CA HIS D 113 7.93 -21.08 -7.03
C HIS D 113 7.23 -22.24 -6.33
N GLY D 114 7.52 -23.46 -6.78
CA GLY D 114 6.94 -24.65 -6.19
C GLY D 114 5.45 -24.80 -6.46
N ARG D 115 4.98 -24.13 -7.50
CA ARG D 115 3.56 -24.20 -7.86
C ARG D 115 3.32 -25.15 -9.03
N ASP D 116 2.10 -25.68 -9.11
CA ASP D 116 1.70 -26.47 -10.27
C ASP D 116 1.06 -25.57 -11.31
N VAL D 117 1.81 -25.27 -12.37
CA VAL D 117 1.39 -24.28 -13.34
C VAL D 117 0.87 -24.91 -14.63
N LEU D 118 -0.25 -24.39 -15.13
CA LEU D 118 -0.80 -24.83 -16.40
C LEU D 118 -0.91 -23.65 -17.37
N ILE D 119 -0.06 -23.66 -18.39
CA ILE D 119 -0.11 -22.62 -19.42
C ILE D 119 -1.39 -22.74 -20.25
N VAL D 120 -2.11 -21.64 -20.39
CA VAL D 120 -3.35 -21.62 -21.15
C VAL D 120 -3.24 -20.72 -22.37
N GLU D 121 -2.98 -21.32 -23.53
CA GLU D 121 -2.84 -20.58 -24.78
C GLU D 121 -4.08 -20.72 -25.66
N ASP D 122 -4.13 -19.89 -26.71
CA ASP D 122 -5.25 -19.92 -27.63
C ASP D 122 -4.87 -20.60 -28.95
N VAL D 123 -3.71 -20.23 -29.50
CA VAL D 123 -3.26 -20.77 -30.77
C VAL D 123 -1.78 -21.13 -30.73
N VAL D 124 -1.45 -22.37 -31.05
CA VAL D 124 -0.07 -22.78 -31.21
C VAL D 124 0.21 -23.18 -32.66
N ASP D 125 1.02 -22.39 -33.33
CA ASP D 125 1.30 -22.60 -34.75
C ASP D 125 2.76 -22.96 -34.97
N SER D 126 3.64 -21.96 -34.88
CA SER D 126 5.07 -22.20 -35.03
C SER D 126 5.69 -22.72 -33.74
N GLY D 127 5.10 -22.31 -32.61
CA GLY D 127 5.60 -22.71 -31.31
C GLY D 127 6.49 -21.66 -30.68
N LEU D 128 6.74 -20.57 -31.39
CA LEU D 128 7.62 -19.51 -30.92
C LEU D 128 7.09 -18.86 -29.64
N THR D 129 5.80 -18.56 -29.63
CA THR D 129 5.18 -17.92 -28.48
C THR D 129 5.26 -18.81 -27.24
N LEU D 130 4.95 -20.10 -27.42
CA LEU D 130 5.00 -21.05 -26.32
C LEU D 130 6.43 -21.27 -25.86
N SER D 131 7.36 -21.29 -26.81
CA SER D 131 8.78 -21.50 -26.52
C SER D 131 9.32 -20.43 -25.59
N TRP D 132 8.96 -19.18 -25.84
CA TRP D 132 9.42 -18.08 -25.00
C TRP D 132 8.79 -18.10 -23.62
N LEU D 133 7.47 -18.32 -23.57
CA LEU D 133 6.74 -18.29 -22.32
C LEU D 133 7.19 -19.39 -21.37
N SER D 134 7.34 -20.61 -21.91
CA SER D 134 7.73 -21.76 -21.12
C SER D 134 9.11 -21.60 -20.50
N ARG D 135 10.04 -21.06 -21.29
CA ARG D 135 11.39 -20.78 -20.79
C ARG D 135 11.36 -19.79 -19.63
N ASN D 136 10.53 -18.76 -19.77
CA ASN D 136 10.43 -17.71 -18.77
C ASN D 136 9.83 -18.23 -17.46
N LEU D 137 8.85 -19.11 -17.56
CA LEU D 137 8.17 -19.63 -16.38
C LEU D 137 8.99 -20.71 -15.67
N THR D 138 9.75 -21.48 -16.44
CA THR D 138 10.58 -22.53 -15.87
C THR D 138 11.74 -21.96 -15.06
N SER D 139 12.18 -20.76 -15.45
CA SER D 139 13.27 -20.09 -14.74
C SER D 139 12.80 -19.59 -13.38
N ARG D 140 11.47 -19.53 -13.20
CA ARG D 140 10.88 -19.12 -11.93
C ARG D 140 10.73 -20.31 -11.01
N ASN D 141 11.23 -21.47 -11.45
CA ASN D 141 11.24 -22.70 -10.67
C ASN D 141 9.86 -23.16 -10.17
N PRO D 142 8.99 -23.58 -11.10
CA PRO D 142 7.70 -24.13 -10.67
C PRO D 142 7.81 -25.63 -10.37
N ARG D 143 6.85 -26.17 -9.63
CA ARG D 143 6.85 -27.60 -9.32
C ARG D 143 6.64 -28.41 -10.58
N SER D 144 5.66 -27.99 -11.39
CA SER D 144 5.41 -28.61 -12.68
C SER D 144 4.96 -27.55 -13.68
N LEU D 145 5.13 -27.85 -14.96
CA LEU D 145 4.75 -26.92 -16.01
C LEU D 145 4.21 -27.66 -17.23
N ARG D 146 2.91 -27.51 -17.51
CA ARG D 146 2.30 -28.12 -18.68
C ARG D 146 1.50 -27.12 -19.49
N VAL D 147 1.18 -27.49 -20.72
CA VAL D 147 0.55 -26.57 -21.66
C VAL D 147 -0.84 -27.01 -22.09
N CYS D 148 -1.79 -26.08 -22.08
CA CYS D 148 -3.14 -26.35 -22.56
C CYS D 148 -3.58 -25.29 -23.57
N THR D 149 -3.55 -25.65 -24.85
CA THR D 149 -3.98 -24.72 -25.89
C THR D 149 -5.35 -25.13 -26.44
N LEU D 150 -6.14 -24.14 -26.83
CA LEU D 150 -7.45 -24.41 -27.40
C LEU D 150 -7.33 -24.87 -28.85
N LEU D 151 -6.42 -24.22 -29.59
CA LEU D 151 -6.23 -24.52 -30.99
C LEU D 151 -4.79 -24.92 -31.30
N ARG D 152 -4.62 -25.81 -32.28
CA ARG D 152 -3.30 -26.23 -32.74
C ARG D 152 -3.28 -26.39 -34.25
N LYS D 153 -2.41 -25.64 -34.92
CA LYS D 153 -2.34 -25.63 -36.38
C LYS D 153 -1.41 -26.74 -36.91
N PRO D 154 -1.52 -27.06 -38.21
CA PRO D 154 -0.85 -28.26 -38.75
C PRO D 154 0.67 -28.24 -38.96
N ASP D 155 1.40 -27.21 -38.55
CA ASP D 155 2.86 -27.34 -38.53
C ASP D 155 3.29 -27.49 -37.07
N ALA D 156 2.33 -27.37 -36.17
CA ALA D 156 2.56 -27.72 -34.77
C ALA D 156 2.41 -29.22 -34.57
N VAL D 157 1.76 -29.89 -35.53
CA VAL D 157 1.68 -31.34 -35.47
C VAL D 157 2.90 -31.97 -36.15
N HIS D 158 3.37 -31.35 -37.24
CA HIS D 158 4.53 -31.85 -37.95
C HIS D 158 5.79 -31.71 -37.10
N ALA D 159 5.86 -30.64 -36.32
CA ALA D 159 7.03 -30.36 -35.49
C ALA D 159 7.03 -31.20 -34.22
N ASN D 160 5.91 -31.87 -33.96
CA ASN D 160 5.73 -32.68 -32.76
C ASN D 160 6.07 -31.93 -31.48
N VAL D 161 5.45 -30.76 -31.32
CA VAL D 161 5.57 -30.00 -30.07
C VAL D 161 4.97 -30.81 -28.94
N GLU D 162 5.26 -30.44 -27.70
CA GLU D 162 4.69 -31.18 -26.58
C GLU D 162 3.64 -30.36 -25.84
N ILE D 163 2.38 -30.65 -26.13
CA ILE D 163 1.25 -30.06 -25.43
C ILE D 163 0.57 -31.13 -24.60
N ALA D 164 0.24 -30.81 -23.36
CA ALA D 164 -0.45 -31.77 -22.49
C ALA D 164 -1.92 -31.89 -22.89
N TYR D 165 -2.55 -30.76 -23.16
CA TYR D 165 -3.97 -30.74 -23.49
C TYR D 165 -4.25 -29.87 -24.72
N VAL D 166 -4.87 -30.47 -25.73
CA VAL D 166 -5.23 -29.76 -26.94
C VAL D 166 -6.74 -29.78 -27.15
N GLY D 167 -7.33 -28.60 -27.30
CA GLY D 167 -8.75 -28.48 -27.55
C GLY D 167 -9.15 -29.01 -28.92
N PHE D 168 -8.70 -28.32 -29.96
CA PHE D 168 -9.03 -28.71 -31.34
C PHE D 168 -7.82 -28.66 -32.25
N ASP D 169 -7.81 -29.54 -33.25
CA ASP D 169 -6.84 -29.46 -34.32
C ASP D 169 -7.48 -28.78 -35.54
N ILE D 170 -7.02 -27.58 -35.84
CA ILE D 170 -7.59 -26.79 -36.92
C ILE D 170 -6.61 -26.65 -38.08
N PRO D 171 -7.13 -26.42 -39.31
CA PRO D 171 -6.25 -26.15 -40.45
C PRO D 171 -5.52 -24.82 -40.31
N ASN D 172 -4.67 -24.49 -41.27
CA ASN D 172 -3.80 -23.32 -41.16
C ASN D 172 -4.42 -22.05 -41.73
N ASP D 173 -5.73 -21.92 -41.61
CA ASP D 173 -6.41 -20.71 -42.08
C ASP D 173 -6.68 -19.75 -40.91
N PHE D 174 -6.57 -18.45 -41.20
CA PHE D 174 -6.69 -17.41 -40.18
C PHE D 174 -8.10 -17.37 -39.59
N VAL D 175 -8.23 -17.79 -38.34
CA VAL D 175 -9.53 -17.83 -37.68
C VAL D 175 -9.69 -16.70 -36.67
N VAL D 176 -10.93 -16.31 -36.42
CA VAL D 176 -11.25 -15.29 -35.43
C VAL D 176 -12.40 -15.74 -34.56
N GLY D 177 -12.63 -15.03 -33.46
CA GLY D 177 -13.72 -15.37 -32.55
C GLY D 177 -13.24 -16.11 -31.34
N TYR D 178 -14.03 -16.04 -30.26
CA TYR D 178 -13.69 -16.66 -28.99
C TYR D 178 -12.28 -16.28 -28.54
N GLY D 179 -12.06 -14.99 -28.35
CA GLY D 179 -10.76 -14.50 -27.92
C GLY D 179 -9.89 -14.06 -29.09
N LEU D 180 -9.85 -14.89 -30.13
CA LEU D 180 -9.04 -14.58 -31.31
C LEU D 180 -9.54 -13.32 -32.00
N ASP D 181 -8.64 -12.62 -32.68
CA ASP D 181 -8.98 -11.31 -33.24
C ASP D 181 -8.33 -10.98 -34.57
N TYR D 182 -8.87 -9.96 -35.23
CA TYR D 182 -8.21 -9.30 -36.34
C TYR D 182 -8.27 -7.80 -36.11
N ASP D 183 -7.12 -7.21 -35.76
CA ASP D 183 -7.03 -5.80 -35.38
C ASP D 183 -8.00 -5.49 -34.25
N GLU D 184 -7.95 -6.32 -33.20
CA GLU D 184 -8.73 -6.14 -31.99
C GLU D 184 -10.26 -6.22 -32.20
N ARG D 185 -10.67 -6.99 -33.21
CA ARG D 185 -12.10 -7.18 -33.46
C ARG D 185 -12.47 -8.67 -33.47
N TYR D 186 -13.77 -8.94 -33.48
CA TYR D 186 -14.32 -10.30 -33.53
C TYR D 186 -14.03 -11.14 -32.29
N ARG D 187 -13.44 -10.53 -31.26
CA ARG D 187 -13.12 -11.25 -30.03
C ARG D 187 -14.36 -11.69 -29.27
N ASP D 188 -15.44 -10.92 -29.41
CA ASP D 188 -16.65 -11.14 -28.65
C ASP D 188 -17.50 -12.29 -29.19
N LEU D 189 -17.06 -12.91 -30.28
CA LEU D 189 -17.80 -14.00 -30.91
C LEU D 189 -17.81 -15.24 -30.03
N SER D 190 -18.98 -15.86 -29.90
CA SER D 190 -19.13 -17.08 -29.10
C SER D 190 -18.57 -18.29 -29.83
N TYR D 191 -18.36 -18.14 -31.14
CA TYR D 191 -17.87 -19.23 -31.96
C TYR D 191 -16.52 -18.87 -32.59
N ILE D 192 -15.94 -19.83 -33.30
CA ILE D 192 -14.69 -19.60 -34.02
C ILE D 192 -14.92 -19.79 -35.52
N GLY D 193 -14.75 -18.70 -36.27
CA GLY D 193 -14.95 -18.74 -37.71
C GLY D 193 -13.73 -18.29 -38.48
N THR D 194 -13.75 -18.50 -39.79
CA THR D 194 -12.65 -18.08 -40.64
C THR D 194 -12.93 -16.75 -41.29
N LEU D 195 -12.02 -15.79 -41.09
CA LEU D 195 -12.15 -14.48 -41.70
C LEU D 195 -11.92 -14.57 -43.20
N ASP D 196 -12.80 -13.94 -43.98
CA ASP D 196 -12.71 -13.99 -45.44
C ASP D 196 -11.49 -13.21 -45.90
N PRO D 197 -10.57 -13.89 -46.60
CA PRO D 197 -9.40 -13.25 -47.22
C PRO D 197 -9.83 -12.29 -48.33
N ARG D 198 -10.05 -11.03 -47.97
CA ARG D 198 -10.50 -10.03 -48.94
C ARG D 198 -9.48 -9.79 -50.04
N GLU E 16 -11.01 9.38 9.80
CA GLU E 16 -10.63 8.06 9.34
C GLU E 16 -9.36 7.58 10.04
N LEU E 17 -9.52 6.97 11.21
CA LEU E 17 -8.39 6.47 11.99
C LEU E 17 -7.79 5.23 11.34
N TYR E 18 -8.65 4.28 10.99
CA TYR E 18 -8.22 3.08 10.28
C TYR E 18 -8.91 3.02 8.92
N PRO E 19 -8.28 3.63 7.90
CA PRO E 19 -8.85 3.74 6.55
C PRO E 19 -9.11 2.39 5.90
N GLY E 20 -10.37 2.08 5.64
CA GLY E 20 -10.74 0.87 4.91
C GLY E 20 -10.75 -0.40 5.74
N ASP E 21 -10.71 -0.25 7.07
CA ASP E 21 -10.72 -1.39 7.96
C ASP E 21 -12.12 -1.63 8.51
N ILE E 22 -12.87 -0.56 8.75
CA ILE E 22 -14.23 -0.66 9.27
C ILE E 22 -15.22 -0.87 8.13
N LYS E 23 -16.00 -1.94 8.20
CA LYS E 23 -16.97 -2.25 7.16
C LYS E 23 -18.30 -1.54 7.42
N SER E 24 -18.74 -1.54 8.68
CA SER E 24 -19.96 -0.86 9.06
C SER E 24 -19.96 -0.52 10.54
N VAL E 25 -20.63 0.57 10.91
CA VAL E 25 -20.67 1.02 12.30
C VAL E 25 -21.91 0.49 13.01
N LEU E 26 -21.69 -0.37 14.00
CA LEU E 26 -22.78 -0.97 14.76
C LEU E 26 -23.33 0.01 15.79
N LEU E 27 -22.42 0.61 16.55
CA LEU E 27 -22.78 1.59 17.58
C LEU E 27 -21.91 2.83 17.50
N THR E 28 -22.54 3.98 17.30
CA THR E 28 -21.81 5.25 17.22
C THR E 28 -21.41 5.72 18.62
N ALA E 29 -20.45 6.64 18.67
CA ALA E 29 -19.94 7.14 19.94
C ALA E 29 -21.00 7.92 20.70
N GLU E 30 -21.87 8.60 19.97
CA GLU E 30 -22.94 9.37 20.57
C GLU E 30 -24.01 8.47 21.17
N GLN E 31 -24.17 7.28 20.59
CA GLN E 31 -25.11 6.29 21.11
C GLN E 31 -24.59 5.66 22.40
N ILE E 32 -23.33 5.23 22.38
CA ILE E 32 -22.73 4.57 23.53
C ILE E 32 -22.72 5.46 24.76
N GLN E 33 -22.29 6.71 24.59
CA GLN E 33 -22.25 7.68 25.68
C GLN E 33 -23.64 7.95 26.24
N ALA E 34 -24.64 7.96 25.37
CA ALA E 34 -26.02 8.19 25.80
C ALA E 34 -26.55 7.04 26.65
N ARG E 35 -26.10 5.83 26.33
CA ARG E 35 -26.55 4.64 27.07
C ARG E 35 -25.81 4.50 28.39
N ILE E 36 -24.52 4.79 28.39
CA ILE E 36 -23.71 4.73 29.60
C ILE E 36 -24.22 5.73 30.64
N ALA E 37 -24.64 6.90 30.16
CA ALA E 37 -25.24 7.92 31.02
C ALA E 37 -26.53 7.39 31.65
N GLU E 38 -27.32 6.66 30.86
CA GLU E 38 -28.55 6.05 31.36
C GLU E 38 -28.23 4.95 32.36
N LEU E 39 -27.24 4.13 32.04
CA LEU E 39 -26.82 3.06 32.95
C LEU E 39 -26.27 3.62 34.25
N GLY E 40 -25.39 4.61 34.14
CA GLY E 40 -24.80 5.26 35.30
C GLY E 40 -25.84 5.79 36.26
N GLU E 41 -26.85 6.48 35.72
CA GLU E 41 -27.93 7.01 36.53
C GLU E 41 -28.73 5.89 37.18
N GLN E 42 -28.95 4.80 36.44
CA GLN E 42 -29.70 3.66 36.94
C GLN E 42 -28.93 2.98 38.06
N ILE E 43 -27.64 2.78 37.84
CA ILE E 43 -26.76 2.17 38.84
C ILE E 43 -26.68 3.05 40.09
N GLY E 44 -26.64 4.36 39.88
CA GLY E 44 -26.58 5.31 40.97
C GLY E 44 -27.82 5.27 41.84
N ASN E 45 -28.97 5.03 41.23
CA ASN E 45 -30.23 4.91 41.97
C ASN E 45 -30.27 3.66 42.82
N ASP E 46 -29.75 2.55 42.28
CA ASP E 46 -29.82 1.26 42.95
C ASP E 46 -28.82 1.15 44.12
N TYR E 47 -27.75 1.92 44.06
CA TYR E 47 -26.68 1.83 45.06
C TYR E 47 -26.53 3.07 45.92
N ARG E 48 -27.47 4.02 45.78
CA ARG E 48 -27.37 5.30 46.47
C ARG E 48 -27.32 5.15 48.00
N THR E 54 -23.82 1.25 54.80
CA THR E 54 -22.64 0.40 54.70
C THR E 54 -21.35 1.16 55.00
N GLY E 55 -21.34 2.45 54.66
CA GLY E 55 -20.16 3.28 54.83
C GLY E 55 -19.26 3.25 53.61
N GLN E 56 -18.87 2.05 53.19
CA GLN E 56 -17.94 1.89 52.08
C GLN E 56 -18.61 2.13 50.74
N ASP E 57 -17.79 2.40 49.72
CA ASP E 57 -18.29 2.78 48.40
C ASP E 57 -18.47 1.60 47.47
N LEU E 58 -19.14 1.85 46.35
CA LEU E 58 -19.31 0.86 45.29
C LEU E 58 -17.94 0.50 44.70
N LEU E 59 -17.71 -0.79 44.51
CA LEU E 59 -16.43 -1.23 43.95
C LEU E 59 -16.59 -1.85 42.57
N LEU E 60 -16.02 -1.18 41.57
CA LEU E 60 -16.05 -1.67 40.20
C LEU E 60 -14.85 -2.56 39.91
N ILE E 61 -15.09 -3.77 39.42
CA ILE E 61 -14.02 -4.69 39.10
C ILE E 61 -14.03 -5.08 37.63
N THR E 62 -12.89 -4.89 36.97
CA THR E 62 -12.77 -5.20 35.54
C THR E 62 -11.58 -6.09 35.26
N VAL E 63 -11.55 -6.66 34.05
CA VAL E 63 -10.41 -7.43 33.58
C VAL E 63 -9.73 -6.70 32.43
N LEU E 64 -8.42 -6.50 32.54
CA LEU E 64 -7.65 -5.85 31.49
C LEU E 64 -7.77 -6.63 30.17
N LYS E 65 -7.88 -5.90 29.06
CA LYS E 65 -7.87 -4.44 29.05
C LYS E 65 -8.97 -3.88 28.17
N GLY E 66 -9.93 -4.73 27.81
CA GLY E 66 -11.01 -4.33 26.91
C GLY E 66 -12.08 -3.48 27.58
N ALA E 67 -12.22 -3.62 28.89
CA ALA E 67 -13.27 -2.92 29.62
C ALA E 67 -12.77 -1.61 30.22
N VAL E 68 -11.50 -1.29 30.00
CA VAL E 68 -10.89 -0.10 30.57
C VAL E 68 -11.60 1.18 30.12
N LEU E 69 -11.82 1.30 28.82
CA LEU E 69 -12.53 2.46 28.26
C LEU E 69 -13.94 2.59 28.85
N PHE E 70 -14.60 1.45 28.99
CA PHE E 70 -15.99 1.42 29.45
C PHE E 70 -16.12 1.74 30.94
N VAL E 71 -15.20 1.22 31.76
CA VAL E 71 -15.30 1.42 33.19
C VAL E 71 -14.98 2.86 33.60
N THR E 72 -14.07 3.51 32.86
CA THR E 72 -13.72 4.89 33.17
C THR E 72 -14.88 5.83 32.88
N ASP E 73 -15.59 5.57 31.78
CA ASP E 73 -16.74 6.39 31.40
C ASP E 73 -17.94 6.09 32.29
N LEU E 74 -18.11 4.82 32.66
CA LEU E 74 -19.22 4.41 33.51
C LEU E 74 -19.08 4.98 34.92
N ALA E 75 -17.89 4.86 35.49
CA ALA E 75 -17.63 5.33 36.85
C ALA E 75 -17.88 6.83 36.98
N ARG E 76 -17.63 7.58 35.91
CA ARG E 76 -17.87 9.01 35.92
C ARG E 76 -19.32 9.33 35.61
N ALA E 77 -20.05 8.34 35.09
CA ALA E 77 -21.46 8.50 34.79
C ALA E 77 -22.31 8.06 35.98
N ILE E 78 -21.66 7.49 36.99
CA ILE E 78 -22.35 7.05 38.20
C ILE E 78 -22.33 8.14 39.27
N PRO E 79 -23.52 8.63 39.65
CA PRO E 79 -23.69 9.76 40.57
C PRO E 79 -23.37 9.44 42.03
N VAL E 80 -22.83 8.25 42.30
CA VAL E 80 -22.37 7.92 43.64
C VAL E 80 -20.90 7.48 43.57
N PRO E 81 -20.16 7.67 44.67
CA PRO E 81 -18.73 7.30 44.72
C PRO E 81 -18.44 5.88 44.25
N THR E 82 -17.40 5.73 43.43
CA THR E 82 -17.01 4.42 42.90
C THR E 82 -15.49 4.26 42.95
N GLN E 83 -15.04 3.10 43.44
CA GLN E 83 -13.61 2.81 43.50
C GLN E 83 -13.25 1.76 42.45
N PHE E 84 -11.97 1.66 42.12
CA PHE E 84 -11.51 0.78 41.05
C PHE E 84 -10.71 -0.42 41.53
N GLU E 85 -10.88 -1.53 40.82
CA GLU E 85 -10.04 -2.72 41.00
C GLU E 85 -9.85 -3.38 39.65
N PHE E 86 -8.67 -3.95 39.43
CA PHE E 86 -8.32 -4.53 38.14
C PHE E 86 -7.75 -5.93 38.26
N MET E 87 -8.17 -6.80 37.36
CA MET E 87 -7.61 -8.15 37.28
C MET E 87 -7.03 -8.39 35.89
N ALA E 88 -5.99 -9.22 35.81
CA ALA E 88 -5.41 -9.56 34.52
C ALA E 88 -5.21 -11.07 34.41
N VAL E 89 -5.85 -11.66 33.42
CA VAL E 89 -5.80 -13.11 33.21
C VAL E 89 -5.33 -13.44 31.79
N SER E 90 -5.06 -14.71 31.55
CA SER E 90 -4.67 -15.15 30.21
C SER E 90 -5.12 -16.58 29.94
N SER E 91 -4.81 -17.09 28.76
CA SER E 91 -5.24 -18.41 28.29
C SER E 91 -4.96 -19.52 29.30
N ILE E 104 -4.30 -16.33 36.35
CA ILE E 104 -4.17 -15.00 36.94
C ILE E 104 -2.71 -14.54 36.95
N LEU E 105 -2.47 -13.36 36.40
CA LEU E 105 -1.12 -12.79 36.41
C LEU E 105 -1.12 -11.43 37.10
N LYS E 106 -2.30 -11.03 37.56
CA LYS E 106 -2.46 -9.86 38.41
C LYS E 106 -3.76 -9.96 39.19
N ASP E 107 -3.63 -10.30 40.47
CA ASP E 107 -4.80 -10.49 41.31
C ASP E 107 -5.32 -9.16 41.84
N LEU E 108 -6.42 -9.21 42.59
CA LEU E 108 -7.00 -8.04 43.23
C LEU E 108 -6.03 -7.45 44.25
N ASP E 109 -6.00 -6.12 44.34
CA ASP E 109 -5.07 -5.45 45.26
C ASP E 109 -5.57 -5.49 46.70
N ARG E 110 -6.88 -5.37 46.89
CA ARG E 110 -7.46 -5.33 48.22
C ARG E 110 -8.39 -6.51 48.47
N ASP E 111 -8.89 -6.61 49.70
CA ASP E 111 -9.84 -7.66 50.06
C ASP E 111 -11.27 -7.14 49.90
N ILE E 112 -12.06 -7.82 49.09
CA ILE E 112 -13.42 -7.38 48.81
C ILE E 112 -14.45 -8.02 49.72
N HIS E 113 -14.01 -8.46 50.89
CA HIS E 113 -14.91 -9.08 51.87
C HIS E 113 -15.92 -8.05 52.39
N GLY E 114 -17.20 -8.36 52.22
CA GLY E 114 -18.26 -7.48 52.67
C GLY E 114 -18.40 -6.22 51.82
N ARG E 115 -17.78 -6.24 50.65
CA ARG E 115 -17.82 -5.10 49.74
C ARG E 115 -18.88 -5.30 48.65
N ASP E 116 -19.65 -4.25 48.39
CA ASP E 116 -20.60 -4.26 47.29
C ASP E 116 -19.86 -4.15 45.96
N VAL E 117 -19.72 -5.28 45.27
CA VAL E 117 -18.91 -5.34 44.07
C VAL E 117 -19.75 -5.35 42.80
N LEU E 118 -19.37 -4.51 41.84
CA LEU E 118 -20.01 -4.50 40.54
C LEU E 118 -18.98 -4.91 39.48
N ILE E 119 -19.15 -6.11 38.95
CA ILE E 119 -18.29 -6.57 37.86
C ILE E 119 -18.64 -5.81 36.59
N VAL E 120 -17.63 -5.20 35.97
CA VAL E 120 -17.84 -4.40 34.78
C VAL E 120 -17.18 -5.04 33.56
N GLU E 121 -17.99 -5.61 32.68
CA GLU E 121 -17.48 -6.32 31.51
C GLU E 121 -17.68 -5.52 30.21
N ASP E 122 -16.98 -5.95 29.17
CA ASP E 122 -17.10 -5.33 27.87
C ASP E 122 -18.09 -6.08 26.99
N VAL E 123 -17.90 -7.40 26.89
CA VAL E 123 -18.77 -8.25 26.08
C VAL E 123 -19.05 -9.57 26.79
N VAL E 124 -20.33 -9.92 26.91
CA VAL E 124 -20.71 -11.23 27.41
C VAL E 124 -21.31 -12.07 26.29
N ASP E 125 -20.61 -13.13 25.91
CA ASP E 125 -21.03 -14.00 24.81
C ASP E 125 -21.50 -15.36 25.30
N SER E 126 -20.56 -16.30 25.41
CA SER E 126 -20.88 -17.64 25.89
C SER E 126 -21.14 -17.61 27.39
N GLY E 127 -20.63 -16.58 28.06
CA GLY E 127 -20.83 -16.40 29.48
C GLY E 127 -19.91 -17.23 30.35
N LEU E 128 -18.86 -17.78 29.73
CA LEU E 128 -17.92 -18.64 30.43
C LEU E 128 -16.80 -17.85 31.11
N THR E 129 -16.44 -16.71 30.52
CA THR E 129 -15.53 -15.79 31.19
C THR E 129 -16.18 -15.25 32.45
N LEU E 130 -17.44 -14.85 32.34
CA LEU E 130 -18.18 -14.31 33.46
C LEU E 130 -18.40 -15.36 34.53
N SER E 131 -18.65 -16.60 34.11
CA SER E 131 -18.89 -17.69 35.06
C SER E 131 -17.65 -17.99 35.90
N TRP E 132 -16.48 -17.96 35.25
CA TRP E 132 -15.23 -18.18 35.96
C TRP E 132 -14.94 -17.06 36.94
N LEU E 133 -15.19 -15.82 36.51
CA LEU E 133 -14.90 -14.65 37.33
C LEU E 133 -15.91 -14.48 38.46
N SER E 134 -17.17 -14.77 38.17
CA SER E 134 -18.25 -14.52 39.13
C SER E 134 -18.09 -15.31 40.43
N ARG E 135 -17.69 -16.57 40.34
CA ARG E 135 -17.55 -17.36 41.56
C ARG E 135 -16.10 -17.44 42.03
N ASN E 136 -15.20 -16.87 41.26
CA ASN E 136 -13.85 -16.59 41.78
C ASN E 136 -13.95 -15.45 42.78
N LEU E 137 -14.80 -14.49 42.47
CA LEU E 137 -15.04 -13.35 43.34
C LEU E 137 -16.01 -13.71 44.46
N THR E 138 -16.91 -14.65 44.19
CA THR E 138 -17.88 -15.09 45.19
C THR E 138 -17.18 -15.79 46.34
N SER E 139 -16.07 -16.46 46.06
CA SER E 139 -15.31 -17.18 47.07
C SER E 139 -14.59 -16.21 48.01
N ARG E 140 -14.48 -14.95 47.60
CA ARG E 140 -13.86 -13.91 48.42
C ARG E 140 -14.88 -13.31 49.38
N ASN E 141 -16.11 -13.81 49.31
CA ASN E 141 -17.20 -13.41 50.19
C ASN E 141 -17.49 -11.91 50.24
N PRO E 142 -18.01 -11.34 49.15
CA PRO E 142 -18.45 -9.94 49.17
C PRO E 142 -19.88 -9.81 49.68
N ARG E 143 -20.34 -8.59 49.92
CA ARG E 143 -21.70 -8.37 50.38
C ARG E 143 -22.70 -8.61 49.26
N SER E 144 -22.41 -8.04 48.09
CA SER E 144 -23.23 -8.26 46.90
C SER E 144 -22.35 -8.41 45.68
N LEU E 145 -22.92 -8.93 44.59
CA LEU E 145 -22.15 -9.19 43.39
C LEU E 145 -23.05 -9.15 42.14
N ARG E 146 -23.17 -7.97 41.55
CA ARG E 146 -23.92 -7.82 40.31
C ARG E 146 -22.97 -7.65 39.12
N VAL E 147 -23.53 -7.73 37.91
CA VAL E 147 -22.72 -7.62 36.70
C VAL E 147 -23.28 -6.58 35.73
N CYS E 148 -22.40 -5.68 35.28
CA CYS E 148 -22.77 -4.72 34.25
C CYS E 148 -21.87 -4.85 33.04
N THR E 149 -22.46 -5.23 31.91
CA THR E 149 -21.71 -5.33 30.66
C THR E 149 -22.21 -4.30 29.66
N LEU E 150 -21.33 -3.87 28.78
CA LEU E 150 -21.72 -2.91 27.75
C LEU E 150 -22.43 -3.62 26.61
N LEU E 151 -21.92 -4.79 26.24
CA LEU E 151 -22.47 -5.54 25.12
C LEU E 151 -22.89 -6.94 25.54
N ARG E 152 -24.04 -7.39 25.06
CA ARG E 152 -24.50 -8.75 25.31
C ARG E 152 -24.85 -9.44 24.00
N LYS E 153 -24.25 -10.60 23.78
CA LYS E 153 -24.49 -11.37 22.56
C LYS E 153 -25.62 -12.39 22.79
N PRO E 154 -26.28 -12.82 21.70
CA PRO E 154 -27.47 -13.69 21.80
C PRO E 154 -27.24 -14.98 22.58
N ASP E 155 -26.05 -15.58 22.45
CA ASP E 155 -25.75 -16.83 23.15
C ASP E 155 -25.85 -16.67 24.67
N ALA E 156 -25.68 -15.44 25.15
CA ALA E 156 -25.77 -15.17 26.58
C ALA E 156 -27.22 -15.19 27.07
N VAL E 157 -28.11 -14.59 26.29
CA VAL E 157 -29.52 -14.54 26.67
C VAL E 157 -30.15 -15.94 26.55
N HIS E 158 -29.69 -16.72 25.58
CA HIS E 158 -30.18 -18.09 25.40
C HIS E 158 -29.72 -19.01 26.53
N ALA E 159 -28.55 -18.72 27.11
CA ALA E 159 -28.00 -19.50 28.23
C ALA E 159 -28.44 -19.01 29.60
N ASN E 160 -29.51 -18.21 29.56
CA ASN E 160 -29.90 -17.15 30.52
C ASN E 160 -28.89 -16.81 31.63
N VAL E 161 -27.86 -16.06 31.24
CA VAL E 161 -26.87 -15.51 32.15
C VAL E 161 -27.46 -14.34 32.94
N GLU E 162 -27.32 -14.36 34.26
CA GLU E 162 -27.85 -13.27 35.07
C GLU E 162 -26.94 -12.05 35.05
N ILE E 163 -27.42 -11.02 34.37
CA ILE E 163 -26.71 -9.75 34.25
C ILE E 163 -27.62 -8.62 34.71
N ALA E 164 -27.18 -7.89 35.74
CA ALA E 164 -28.01 -6.83 36.32
C ALA E 164 -28.19 -5.66 35.37
N TYR E 165 -27.15 -5.33 34.62
CA TYR E 165 -27.16 -4.17 33.73
C TYR E 165 -26.59 -4.51 32.36
N VAL E 166 -27.38 -4.27 31.32
CA VAL E 166 -26.93 -4.52 29.95
C VAL E 166 -27.02 -3.25 29.12
N GLY E 167 -25.91 -2.84 28.53
CA GLY E 167 -25.87 -1.66 27.70
C GLY E 167 -26.58 -1.87 26.37
N PHE E 168 -26.11 -2.86 25.63
CA PHE E 168 -26.67 -3.14 24.30
C PHE E 168 -26.81 -4.63 24.03
N ASP E 169 -27.90 -5.00 23.37
CA ASP E 169 -28.05 -6.34 22.81
C ASP E 169 -27.62 -6.29 21.35
N ILE E 170 -26.54 -7.00 21.03
CA ILE E 170 -25.98 -6.99 19.68
C ILE E 170 -26.07 -8.37 19.04
N PRO E 171 -26.03 -8.44 17.71
CA PRO E 171 -25.97 -9.74 17.02
C PRO E 171 -24.66 -10.47 17.26
N ASN E 172 -24.52 -11.65 16.66
CA ASN E 172 -23.38 -12.51 16.92
C ASN E 172 -22.11 -12.09 16.16
N ASP E 173 -22.22 -11.04 15.36
CA ASP E 173 -21.09 -10.57 14.56
C ASP E 173 -19.92 -10.12 15.42
N PHE E 174 -18.71 -10.36 14.93
CA PHE E 174 -17.50 -9.93 15.62
C PHE E 174 -17.28 -8.44 15.45
N VAL E 175 -17.13 -7.72 16.55
CA VAL E 175 -17.00 -6.27 16.51
C VAL E 175 -15.73 -5.79 17.22
N VAL E 176 -15.24 -4.63 16.80
CA VAL E 176 -14.09 -4.00 17.46
C VAL E 176 -14.44 -2.56 17.82
N GLY E 177 -13.60 -1.94 18.64
CA GLY E 177 -13.82 -0.56 19.02
C GLY E 177 -14.24 -0.40 20.47
N TYR E 178 -13.92 0.75 21.05
CA TYR E 178 -14.25 1.07 22.43
C TYR E 178 -13.75 0.00 23.40
N GLY E 179 -12.48 -0.36 23.27
CA GLY E 179 -11.89 -1.38 24.12
C GLY E 179 -11.72 -2.72 23.41
N LEU E 180 -12.69 -3.07 22.58
CA LEU E 180 -12.65 -4.33 21.85
C LEU E 180 -11.52 -4.33 20.82
N ASP E 181 -10.86 -5.46 20.67
CA ASP E 181 -9.64 -5.52 19.88
C ASP E 181 -9.62 -6.60 18.81
N TYR E 182 -8.74 -6.40 17.83
CA TYR E 182 -8.32 -7.47 16.93
C TYR E 182 -6.82 -7.36 16.74
N ASP E 183 -6.09 -8.33 17.27
CA ASP E 183 -4.63 -8.31 17.31
C ASP E 183 -4.16 -7.03 18.01
N GLU E 184 -4.79 -6.73 19.15
CA GLU E 184 -4.47 -5.57 19.98
C GLU E 184 -4.63 -4.24 19.24
N ARG E 185 -5.51 -4.20 18.26
CA ARG E 185 -5.77 -2.96 17.54
C ARG E 185 -7.24 -2.53 17.69
N TYR E 186 -7.54 -1.33 17.20
CA TYR E 186 -8.90 -0.78 17.18
C TYR E 186 -9.51 -0.55 18.57
N ARG E 187 -8.73 -0.72 19.63
CA ARG E 187 -9.24 -0.51 20.98
C ARG E 187 -9.58 0.96 21.24
N ASP E 188 -8.83 1.85 20.60
CA ASP E 188 -8.96 3.28 20.86
C ASP E 188 -10.12 3.92 20.10
N LEU E 189 -10.81 3.12 19.29
CA LEU E 189 -11.96 3.61 18.54
C LEU E 189 -13.07 4.07 19.47
N SER E 190 -13.63 5.24 19.18
CA SER E 190 -14.67 5.82 20.02
C SER E 190 -16.02 5.15 19.77
N TYR E 191 -16.12 4.45 18.65
CA TYR E 191 -17.35 3.76 18.30
C TYR E 191 -17.12 2.25 18.20
N ILE E 192 -18.17 1.51 17.85
CA ILE E 192 -18.08 0.06 17.72
C ILE E 192 -18.62 -0.38 16.37
N GLY E 193 -17.87 -1.24 15.69
CA GLY E 193 -18.28 -1.73 14.38
C GLY E 193 -17.64 -3.06 14.03
N THR E 194 -18.10 -3.65 12.94
CA THR E 194 -17.56 -4.91 12.45
C THR E 194 -16.34 -4.64 11.56
N LEU E 195 -15.53 -5.67 11.33
CA LEU E 195 -14.28 -5.51 10.62
C LEU E 195 -14.35 -6.13 9.22
N ASP E 196 -13.65 -5.51 8.27
CA ASP E 196 -13.59 -6.03 6.91
C ASP E 196 -12.85 -7.35 6.90
N PRO E 197 -13.42 -8.37 6.24
CA PRO E 197 -12.80 -9.69 6.13
C PRO E 197 -11.37 -9.68 5.58
N ARG E 198 -11.01 -8.66 4.81
CA ARG E 198 -9.68 -8.58 4.22
C ARG E 198 -8.63 -8.11 5.25
N VAL E 199 -9.08 -7.86 6.47
CA VAL E 199 -8.19 -7.46 7.56
C VAL E 199 -7.64 -8.70 8.24
N TYR E 200 -8.48 -9.74 8.31
CA TYR E 200 -8.06 -11.02 8.86
C TYR E 200 -6.97 -11.67 8.03
N GLN E 201 -6.57 -11.06 6.91
CA GLN E 201 -5.83 -11.84 5.91
C GLN E 201 -4.51 -11.13 5.72
N GLU F 16 -23.57 17.06 44.82
CA GLU F 16 -22.14 16.86 44.60
C GLU F 16 -21.70 15.47 45.05
N LEU F 17 -20.71 14.92 44.37
CA LEU F 17 -20.30 13.52 44.54
C LEU F 17 -19.73 13.24 45.93
N TYR F 18 -18.87 14.11 46.43
CA TYR F 18 -18.33 13.99 47.78
C TYR F 18 -18.58 15.26 48.59
N PRO F 19 -19.80 15.39 49.15
CA PRO F 19 -20.23 16.60 49.87
C PRO F 19 -19.33 16.97 51.04
N GLY F 20 -18.73 18.15 50.98
CA GLY F 20 -17.93 18.67 52.07
C GLY F 20 -16.47 18.25 52.08
N ASP F 21 -16.12 17.28 51.23
CA ASP F 21 -14.76 16.76 51.21
C ASP F 21 -13.82 17.60 50.37
N ILE F 22 -14.32 18.08 49.23
CA ILE F 22 -13.54 18.95 48.35
C ILE F 22 -13.77 20.42 48.72
N LYS F 23 -12.73 21.10 49.17
CA LYS F 23 -12.88 22.50 49.54
C LYS F 23 -12.54 23.46 48.41
N SER F 24 -11.51 23.13 47.63
CA SER F 24 -11.15 23.96 46.48
C SER F 24 -10.82 23.11 45.26
N VAL F 25 -11.24 23.58 44.09
CA VAL F 25 -10.97 22.89 42.84
C VAL F 25 -9.75 23.48 42.14
N LEU F 26 -8.74 22.65 41.90
CA LEU F 26 -7.51 23.10 41.26
C LEU F 26 -7.69 23.16 39.74
N LEU F 27 -8.10 22.04 39.15
CA LEU F 27 -8.32 21.96 37.72
C LEU F 27 -9.70 21.40 37.41
N THR F 28 -10.54 22.21 36.76
CA THR F 28 -11.90 21.79 36.42
C THR F 28 -11.88 20.73 35.33
N ALA F 29 -13.02 20.08 35.12
CA ALA F 29 -13.14 19.04 34.12
C ALA F 29 -12.99 19.60 32.70
N GLU F 30 -13.41 20.84 32.52
CA GLU F 30 -13.33 21.50 31.22
C GLU F 30 -11.89 21.86 30.89
N GLN F 31 -11.12 22.25 31.90
CA GLN F 31 -9.71 22.56 31.71
C GLN F 31 -8.92 21.33 31.30
N ILE F 32 -9.13 20.23 32.03
CA ILE F 32 -8.44 18.97 31.78
C ILE F 32 -8.65 18.48 30.35
N GLN F 33 -9.92 18.42 29.92
CA GLN F 33 -10.26 17.92 28.60
C GLN F 33 -9.68 18.81 27.49
N ALA F 34 -9.64 20.11 27.73
CA ALA F 34 -9.09 21.05 26.76
C ALA F 34 -7.60 20.80 26.55
N ARG F 35 -6.89 20.54 27.64
CA ARG F 35 -5.46 20.29 27.59
C ARG F 35 -5.18 18.94 26.95
N ILE F 36 -6.00 17.95 27.29
CA ILE F 36 -5.89 16.62 26.70
C ILE F 36 -6.12 16.69 25.21
N ALA F 37 -7.06 17.52 24.80
CA ALA F 37 -7.30 17.77 23.38
C ALA F 37 -6.04 18.34 22.73
N GLU F 38 -5.39 19.28 23.40
CA GLU F 38 -4.18 19.91 22.89
C GLU F 38 -3.01 18.93 22.83
N LEU F 39 -2.83 18.14 23.88
CA LEU F 39 -1.78 17.15 23.91
C LEU F 39 -1.99 16.11 22.82
N GLY F 40 -3.25 15.80 22.54
CA GLY F 40 -3.60 14.85 21.50
C GLY F 40 -3.11 15.27 20.13
N GLU F 41 -3.35 16.52 19.75
CA GLU F 41 -2.89 17.03 18.46
C GLU F 41 -1.37 17.05 18.39
N GLN F 42 -0.72 17.50 19.45
CA GLN F 42 0.74 17.60 19.48
C GLN F 42 1.40 16.23 19.31
N ILE F 43 0.92 15.26 20.09
CA ILE F 43 1.42 13.90 19.99
C ILE F 43 1.11 13.32 18.61
N GLY F 44 -0.08 13.61 18.10
CA GLY F 44 -0.48 13.17 16.78
C GLY F 44 0.41 13.73 15.69
N ASN F 45 0.84 14.98 15.87
CA ASN F 45 1.72 15.61 14.90
C ASN F 45 3.15 15.05 14.95
N ASP F 46 3.57 14.62 16.13
CA ASP F 46 4.94 14.15 16.34
C ASP F 46 5.12 12.68 15.98
N TYR F 47 4.01 11.98 15.80
CA TYR F 47 4.06 10.54 15.50
C TYR F 47 3.38 10.20 14.17
N ARG F 48 3.03 11.20 13.38
CA ARG F 48 2.36 10.92 12.11
C ARG F 48 3.37 10.77 10.97
N GLY F 55 5.37 0.81 10.10
CA GLY F 55 3.94 1.01 10.04
C GLY F 55 3.24 0.62 11.33
N GLN F 56 4.01 0.50 12.40
CA GLN F 56 3.48 0.14 13.71
C GLN F 56 2.64 1.26 14.30
N ASP F 57 1.85 0.92 15.31
CA ASP F 57 1.01 1.91 15.99
C ASP F 57 1.68 2.42 17.24
N LEU F 58 1.18 3.54 17.76
CA LEU F 58 1.72 4.16 18.97
C LEU F 58 1.38 3.34 20.21
N LEU F 59 2.41 2.96 20.98
CA LEU F 59 2.20 2.22 22.21
C LEU F 59 2.06 3.15 23.41
N LEU F 60 0.97 3.01 24.16
CA LEU F 60 0.77 3.78 25.37
C LEU F 60 0.91 2.89 26.60
N ILE F 61 1.99 3.10 27.34
CA ILE F 61 2.25 2.32 28.55
C ILE F 61 1.93 3.13 29.80
N THR F 62 1.07 2.58 30.66
CA THR F 62 0.70 3.24 31.90
C THR F 62 0.87 2.33 33.10
N VAL F 63 0.97 2.92 34.28
CA VAL F 63 1.04 2.17 35.53
C VAL F 63 -0.27 2.33 36.30
N LEU F 64 -0.90 1.21 36.63
CA LEU F 64 -2.13 1.18 37.41
C LEU F 64 -1.95 1.88 38.75
N LYS F 65 -2.97 2.62 39.20
CA LYS F 65 -4.23 2.77 38.50
C LYS F 65 -4.54 4.23 38.20
N GLY F 66 -3.72 5.13 38.73
CA GLY F 66 -3.98 6.56 38.65
C GLY F 66 -4.08 7.14 37.25
N ALA F 67 -3.32 6.61 36.31
CA ALA F 67 -3.27 7.17 34.97
C ALA F 67 -4.25 6.49 34.02
N VAL F 68 -5.08 5.60 34.54
CA VAL F 68 -6.05 4.88 33.74
C VAL F 68 -7.10 5.81 33.15
N LEU F 69 -7.65 6.69 33.99
CA LEU F 69 -8.62 7.69 33.56
C LEU F 69 -8.02 8.60 32.49
N PHE F 70 -6.76 8.97 32.69
CA PHE F 70 -6.08 9.91 31.81
C PHE F 70 -5.76 9.30 30.45
N VAL F 71 -5.29 8.05 30.46
CA VAL F 71 -4.86 7.41 29.21
C VAL F 71 -6.06 7.05 28.32
N THR F 72 -7.24 6.86 28.92
CA THR F 72 -8.43 6.55 28.14
C THR F 72 -8.89 7.76 27.34
N ASP F 73 -8.86 8.93 27.99
CA ASP F 73 -9.24 10.18 27.32
C ASP F 73 -8.16 10.64 26.37
N LEU F 74 -6.90 10.43 26.74
CA LEU F 74 -5.77 10.85 25.93
C LEU F 74 -5.69 10.07 24.61
N ALA F 75 -5.90 8.76 24.69
CA ALA F 75 -5.83 7.91 23.51
C ALA F 75 -6.89 8.28 22.48
N ARG F 76 -8.05 8.70 22.97
CA ARG F 76 -9.15 9.10 22.10
C ARG F 76 -8.93 10.52 21.57
N ALA F 77 -7.99 11.24 22.17
CA ALA F 77 -7.67 12.59 21.74
C ALA F 77 -6.50 12.59 20.76
N ILE F 78 -5.81 11.45 20.68
CA ILE F 78 -4.71 11.29 19.74
C ILE F 78 -5.22 10.75 18.40
N PRO F 79 -5.02 11.52 17.32
CA PRO F 79 -5.57 11.21 15.99
C PRO F 79 -4.81 10.13 15.22
N VAL F 80 -3.95 9.38 15.89
CA VAL F 80 -3.28 8.25 15.26
C VAL F 80 -3.59 6.97 16.04
N PRO F 81 -3.51 5.81 15.37
CA PRO F 81 -3.76 4.52 16.03
C PRO F 81 -2.86 4.30 17.25
N THR F 82 -3.47 4.16 18.42
CA THR F 82 -2.73 3.95 19.65
C THR F 82 -3.10 2.63 20.32
N GLN F 83 -2.12 1.95 20.88
CA GLN F 83 -2.35 0.69 21.57
C GLN F 83 -2.11 0.82 23.07
N PHE F 84 -2.76 -0.03 23.85
CA PHE F 84 -2.70 0.06 25.30
C PHE F 84 -1.81 -1.01 25.92
N GLU F 85 -1.03 -0.60 26.92
CA GLU F 85 -0.23 -1.52 27.72
C GLU F 85 -0.29 -1.10 29.18
N PHE F 86 -0.67 -2.03 30.06
CA PHE F 86 -0.83 -1.72 31.46
C PHE F 86 0.15 -2.50 32.33
N MET F 87 0.90 -1.78 33.16
CA MET F 87 1.81 -2.39 34.12
C MET F 87 1.26 -2.30 35.53
N ALA F 88 1.83 -3.09 36.43
CA ALA F 88 1.41 -3.10 37.83
C ALA F 88 2.62 -3.25 38.74
N VAL F 89 2.93 -2.20 39.49
CA VAL F 89 4.11 -2.21 40.35
C VAL F 89 3.75 -1.98 41.82
N SER F 90 4.73 -2.22 42.70
CA SER F 90 4.55 -2.00 44.12
C SER F 90 5.86 -1.57 44.77
N SER F 91 5.79 -0.61 45.67
CA SER F 91 6.99 -0.10 46.35
C SER F 91 7.59 -1.14 47.27
N TYR F 92 8.91 -1.31 47.19
CA TYR F 92 9.62 -2.24 48.06
C TYR F 92 9.68 -1.71 49.49
N VAL F 101 13.79 -0.32 42.76
CA VAL F 101 12.96 0.61 43.53
C VAL F 101 11.58 0.00 43.83
N VAL F 102 10.97 -0.57 42.80
CA VAL F 102 9.63 -1.14 42.93
C VAL F 102 9.58 -2.61 42.54
N ARG F 103 8.46 -3.25 42.83
CA ARG F 103 8.25 -4.66 42.51
C ARG F 103 7.17 -4.82 41.44
N ILE F 104 7.47 -5.59 40.41
CA ILE F 104 6.54 -5.79 39.30
C ILE F 104 5.53 -6.90 39.59
N LEU F 105 4.25 -6.55 39.60
CA LEU F 105 3.19 -7.53 39.72
C LEU F 105 2.78 -8.04 38.35
N LYS F 106 2.64 -7.11 37.41
CA LYS F 106 2.31 -7.46 36.02
C LYS F 106 3.22 -6.75 35.04
N ASP F 107 3.92 -7.53 34.21
CA ASP F 107 4.79 -6.97 33.19
C ASP F 107 4.00 -6.68 31.93
N LEU F 108 4.67 -6.19 30.90
CA LEU F 108 4.03 -5.96 29.60
C LEU F 108 3.62 -7.29 28.98
N ASP F 109 2.46 -7.31 28.35
CA ASP F 109 1.95 -8.52 27.69
C ASP F 109 2.77 -8.88 26.46
N ARG F 110 3.34 -7.87 25.81
CA ARG F 110 4.12 -8.09 24.60
C ARG F 110 5.48 -7.41 24.65
N ASP F 111 6.36 -7.77 23.72
CA ASP F 111 7.67 -7.13 23.61
C ASP F 111 7.51 -5.77 22.94
N ILE F 112 8.26 -4.79 23.43
CA ILE F 112 8.19 -3.44 22.88
C ILE F 112 9.41 -3.11 22.04
N HIS F 113 10.10 -4.16 21.57
CA HIS F 113 11.30 -3.99 20.75
C HIS F 113 10.98 -3.36 19.41
N GLY F 114 11.56 -2.18 19.15
CA GLY F 114 11.35 -1.48 17.90
C GLY F 114 10.01 -0.78 17.86
N ARG F 115 9.44 -0.54 19.04
CA ARG F 115 8.14 0.11 19.14
C ARG F 115 8.28 1.57 19.59
N ASP F 116 7.43 2.43 19.05
CA ASP F 116 7.35 3.81 19.50
C ASP F 116 6.55 3.86 20.79
N VAL F 117 7.25 3.84 21.92
CA VAL F 117 6.60 3.80 23.23
C VAL F 117 6.49 5.19 23.84
N LEU F 118 5.29 5.53 24.30
CA LEU F 118 5.09 6.79 25.03
C LEU F 118 4.49 6.50 26.40
N ILE F 119 5.30 6.69 27.44
CA ILE F 119 4.85 6.50 28.81
C ILE F 119 3.84 7.56 29.21
N VAL F 120 2.69 7.12 29.70
CA VAL F 120 1.65 8.04 30.15
C VAL F 120 1.43 7.90 31.65
N GLU F 121 1.66 8.99 32.38
CA GLU F 121 1.49 8.96 33.83
C GLU F 121 0.59 10.09 34.31
N ASP F 122 0.16 10.01 35.56
CA ASP F 122 -0.77 10.98 36.13
C ASP F 122 -0.01 12.13 36.81
N VAL F 123 0.90 11.79 37.70
CA VAL F 123 1.65 12.78 38.46
C VAL F 123 3.13 12.40 38.57
N VAL F 124 4.00 13.34 38.20
CA VAL F 124 5.42 13.18 38.42
C VAL F 124 5.88 14.14 39.51
N ASP F 125 6.21 13.59 40.68
CA ASP F 125 6.62 14.39 41.83
C ASP F 125 8.14 14.41 41.94
N SER F 126 8.69 13.45 42.66
CA SER F 126 10.14 13.35 42.83
C SER F 126 10.82 12.89 41.56
N GLY F 127 10.06 12.19 40.71
CA GLY F 127 10.60 11.66 39.46
C GLY F 127 11.22 10.30 39.66
N LEU F 128 11.08 9.76 40.86
CA LEU F 128 11.66 8.46 41.19
C LEU F 128 10.96 7.32 40.47
N THR F 129 9.64 7.38 40.41
CA THR F 129 8.86 6.36 39.72
C THR F 129 9.15 6.39 38.22
N LEU F 130 9.25 7.59 37.67
CA LEU F 130 9.51 7.76 36.24
C LEU F 130 10.94 7.37 35.89
N SER F 131 11.83 7.42 36.88
CA SER F 131 13.23 7.08 36.67
C SER F 131 13.41 5.57 36.49
N TRP F 132 12.78 4.79 37.36
CA TRP F 132 12.86 3.33 37.29
C TRP F 132 12.19 2.81 36.02
N LEU F 133 11.01 3.35 35.73
CA LEU F 133 10.22 2.91 34.58
C LEU F 133 10.93 3.20 33.26
N SER F 134 11.55 4.37 33.15
CA SER F 134 12.26 4.77 31.95
C SER F 134 13.45 3.86 31.68
N ARG F 135 14.06 3.37 32.76
CA ARG F 135 15.21 2.48 32.65
C ARG F 135 14.78 1.05 32.33
N ASN F 136 13.68 0.62 32.93
CA ASN F 136 13.18 -0.73 32.73
C ASN F 136 12.65 -0.96 31.32
N LEU F 137 12.18 0.10 30.68
CA LEU F 137 11.61 -0.01 29.34
C LEU F 137 12.65 0.18 28.25
N THR F 138 13.64 1.02 28.51
CA THR F 138 14.73 1.24 27.55
C THR F 138 15.67 0.03 27.50
N SER F 139 15.62 -0.80 28.54
CA SER F 139 16.40 -2.02 28.57
C SER F 139 15.81 -3.06 27.61
N ARG F 140 14.54 -2.86 27.26
CA ARG F 140 13.88 -3.69 26.26
C ARG F 140 14.17 -3.10 24.88
N ASN F 141 14.78 -1.94 24.88
CA ASN F 141 15.16 -1.21 23.66
C ASN F 141 14.03 -1.05 22.63
N PRO F 142 13.16 -0.06 22.87
CA PRO F 142 12.13 0.31 21.90
C PRO F 142 12.70 1.24 20.83
N ARG F 143 11.88 1.59 19.83
CA ARG F 143 12.33 2.52 18.79
C ARG F 143 12.40 3.95 19.33
N SER F 144 11.52 4.27 20.27
CA SER F 144 11.59 5.60 20.87
C SER F 144 10.85 5.56 22.20
N LEU F 145 11.32 6.37 23.15
CA LEU F 145 10.74 6.38 24.48
C LEU F 145 10.51 7.80 24.95
N ARG F 146 9.25 8.24 24.89
CA ARG F 146 8.90 9.57 25.37
C ARG F 146 7.94 9.48 26.56
N VAL F 147 7.78 10.59 27.26
CA VAL F 147 6.96 10.60 28.47
C VAL F 147 5.87 11.67 28.38
N CYS F 148 4.67 11.32 28.83
CA CYS F 148 3.56 12.27 28.89
C CYS F 148 2.85 12.17 30.23
N THR F 149 3.01 13.20 31.06
CA THR F 149 2.34 13.22 32.35
C THR F 149 1.30 14.35 32.39
N LEU F 150 0.19 14.10 33.06
CA LEU F 150 -0.87 15.09 33.17
C LEU F 150 -0.47 16.20 34.13
N LEU F 151 0.14 15.82 35.24
CA LEU F 151 0.54 16.76 36.27
C LEU F 151 2.03 16.66 36.58
N ARG F 152 2.72 17.79 36.57
CA ARG F 152 4.13 17.83 36.95
C ARG F 152 4.32 18.76 38.15
N LYS F 153 5.11 18.31 39.11
CA LYS F 153 5.35 19.08 40.35
C LYS F 153 6.74 19.73 40.32
N PRO F 154 6.94 20.79 41.13
CA PRO F 154 8.17 21.59 41.09
C PRO F 154 9.48 20.80 41.26
N ASP F 155 9.52 19.83 42.17
CA ASP F 155 10.74 19.09 42.45
C ASP F 155 11.01 17.97 41.46
N ALA F 156 10.40 18.06 40.29
CA ALA F 156 10.66 17.11 39.20
C ALA F 156 11.71 17.60 38.22
N VAL F 157 12.14 18.85 38.38
CA VAL F 157 13.08 19.51 37.45
C VAL F 157 14.49 19.04 37.76
N HIS F 158 14.63 18.62 38.99
CA HIS F 158 15.81 18.07 39.63
C HIS F 158 16.11 16.66 39.19
N ALA F 159 15.07 15.92 38.84
CA ALA F 159 15.21 14.62 38.17
C ALA F 159 15.67 14.77 36.72
N ASN F 160 16.56 13.89 36.27
CA ASN F 160 17.12 13.98 34.93
C ASN F 160 16.38 13.09 33.94
N VAL F 161 15.06 13.10 34.01
CA VAL F 161 14.22 12.39 33.06
C VAL F 161 13.47 13.41 32.21
N GLU F 162 13.55 13.26 30.89
CA GLU F 162 12.91 14.22 29.99
C GLU F 162 11.43 13.91 29.74
N ILE F 163 10.61 14.94 29.89
CA ILE F 163 9.18 14.83 29.70
C ILE F 163 8.73 15.78 28.59
N ALA F 164 8.48 15.23 27.41
CA ALA F 164 8.15 16.05 26.25
C ALA F 164 6.73 16.60 26.31
N TYR F 165 5.88 15.96 27.10
CA TYR F 165 4.47 16.34 27.18
C TYR F 165 4.00 16.50 28.62
N VAL F 166 3.68 17.74 28.98
CA VAL F 166 3.18 18.04 30.32
C VAL F 166 1.83 18.75 30.24
N GLY F 167 0.83 18.19 30.91
CA GLY F 167 -0.49 18.78 30.92
C GLY F 167 -0.54 20.06 31.72
N PHE F 168 -0.24 19.95 33.02
CA PHE F 168 -0.27 21.10 33.91
C PHE F 168 0.90 21.08 34.89
N ASP F 169 1.44 22.26 35.18
CA ASP F 169 2.40 22.41 36.26
C ASP F 169 1.65 22.83 37.52
N ILE F 170 1.67 21.96 38.53
CA ILE F 170 0.95 22.21 39.76
C ILE F 170 1.91 22.42 40.93
N PRO F 171 1.44 23.09 41.99
CA PRO F 171 2.29 23.25 43.19
C PRO F 171 2.54 21.92 43.91
N ASN F 172 3.18 21.99 45.08
CA ASN F 172 3.57 20.80 45.81
C ASN F 172 2.45 20.21 46.67
N ASP F 173 1.27 20.80 46.59
CA ASP F 173 0.12 20.38 47.40
C ASP F 173 -0.39 18.99 47.02
N PHE F 174 -1.06 18.33 47.96
CA PHE F 174 -1.64 17.02 47.73
C PHE F 174 -3.04 17.16 47.13
N VAL F 175 -3.23 16.64 45.93
CA VAL F 175 -4.49 16.80 45.20
C VAL F 175 -5.17 15.45 44.95
N VAL F 176 -6.46 15.48 44.63
CA VAL F 176 -7.19 14.26 44.31
C VAL F 176 -8.10 14.48 43.11
N GLY F 177 -8.56 13.39 42.51
CA GLY F 177 -9.49 13.46 41.40
C GLY F 177 -8.88 13.04 40.08
N TYR F 178 -9.74 12.66 39.14
CA TYR F 178 -9.34 12.23 37.80
C TYR F 178 -8.23 11.17 37.85
N GLY F 179 -8.44 10.14 38.67
CA GLY F 179 -7.47 9.08 38.81
C GLY F 179 -6.70 9.16 40.12
N LEU F 180 -6.40 10.38 40.55
CA LEU F 180 -5.70 10.59 41.82
C LEU F 180 -6.60 10.23 43.00
N ASP F 181 -6.01 9.59 44.00
CA ASP F 181 -6.79 9.07 45.12
C ASP F 181 -6.26 9.49 46.49
N TYR F 182 -7.14 9.37 47.49
CA TYR F 182 -6.73 9.36 48.88
C TYR F 182 -7.40 8.18 49.56
N ASP F 183 -6.59 7.18 49.90
CA ASP F 183 -7.08 5.91 50.43
C ASP F 183 -8.09 5.28 49.48
N GLU F 184 -7.70 5.23 48.20
CA GLU F 184 -8.48 4.60 47.13
C GLU F 184 -9.84 5.24 46.86
N ARG F 185 -10.01 6.48 47.27
CA ARG F 185 -11.25 7.21 47.00
C ARG F 185 -10.99 8.41 46.08
N TYR F 186 -12.08 9.05 45.65
CA TYR F 186 -12.04 10.27 44.84
C TYR F 186 -11.43 10.10 43.45
N ARG F 187 -11.20 8.86 43.04
CA ARG F 187 -10.65 8.61 41.70
C ARG F 187 -11.66 8.93 40.60
N ASP F 188 -12.95 8.83 40.93
CA ASP F 188 -14.01 8.98 39.95
C ASP F 188 -14.39 10.44 39.71
N LEU F 189 -13.64 11.34 40.35
CA LEU F 189 -13.89 12.78 40.22
C LEU F 189 -13.49 13.29 38.85
N SER F 190 -14.36 14.08 38.24
CA SER F 190 -14.10 14.62 36.90
C SER F 190 -13.09 15.75 36.93
N TYR F 191 -12.88 16.33 38.11
CA TYR F 191 -11.95 17.43 38.28
C TYR F 191 -10.85 17.08 39.27
N ILE F 192 -9.94 18.02 39.51
CA ILE F 192 -8.86 17.82 40.47
C ILE F 192 -8.87 18.93 41.52
N GLY F 193 -8.88 18.54 42.80
CA GLY F 193 -8.94 19.51 43.87
C GLY F 193 -8.21 19.09 45.13
N THR F 194 -8.41 19.84 46.20
CA THR F 194 -7.75 19.56 47.47
C THR F 194 -8.76 19.18 48.55
N LEU F 195 -8.36 18.27 49.43
CA LEU F 195 -9.25 17.75 50.46
C LEU F 195 -9.52 18.75 51.58
N ASP F 196 -10.71 18.63 52.15
CA ASP F 196 -11.04 19.24 53.41
C ASP F 196 -10.10 18.67 54.48
N PRO F 197 -9.52 19.52 55.33
CA PRO F 197 -8.63 19.04 56.41
C PRO F 197 -9.27 18.00 57.35
N ARG F 198 -10.61 17.94 57.41
CA ARG F 198 -11.27 16.96 58.27
C ARG F 198 -11.25 15.56 57.65
N VAL F 199 -10.96 15.49 56.36
CA VAL F 199 -10.89 14.21 55.66
C VAL F 199 -9.72 13.37 56.19
N TYR F 200 -8.62 14.02 56.52
CA TYR F 200 -7.42 13.32 56.98
C TYR F 200 -7.58 12.72 58.38
N GLN F 201 -8.64 13.12 59.08
CA GLN F 201 -8.90 12.59 60.41
C GLN F 201 -9.31 11.13 60.34
OAE 3QE G . 15.16 0.73 -5.04
PBA 3QE G . 16.04 0.83 -3.79
OAF 3QE G . 15.41 1.73 -2.73
OAC 3QE G . 17.49 1.16 -4.10
CAL 3QE G . 16.05 -0.95 -3.02
CAJ 3QE G . 16.46 -0.96 -1.55
OAS 3QE G . 17.65 -1.82 -1.42
CAN 3QE G . 18.72 -1.40 -2.24
CAY 3QE G . 20.01 -2.28 -1.92
OAT 3QE G . 19.98 -3.39 -2.77
CAK 3QE G . 20.39 -4.64 -2.11
CAM 3QE G . 21.46 -5.29 -2.95
PBB 3QE G . 21.63 -7.18 -2.60
OAG 3QE G . 22.01 -7.30 -1.15
OAH 3QE G . 22.73 -7.65 -3.57
OAD 3QE G . 20.27 -7.78 -2.94
CAO 3QE G . 19.86 -2.88 -0.39
N9 3QE G . 20.97 -2.41 0.58
C4 3QE G . 21.22 -1.15 1.10
N3 3QE G . 20.57 0.06 0.94
C2 3QE G . 21.14 1.07 1.63
N2 3QE G . 20.49 2.33 1.49
N1 3QE G . 22.25 1.06 2.47
C6 3QE G . 22.86 -0.15 2.61
O6 3QE G . 23.96 -0.22 3.41
C5 3QE G . 22.39 -1.31 1.94
N7 3QE G . 22.83 -2.64 1.91
C8 3QE G . 21.94 -3.29 1.08
MG MG H . 20.79 -1.29 -6.93
OAE 3QE I . 12.38 9.98 -23.39
PBA 3QE I . 12.94 11.31 -23.93
OAF 3QE I . 14.29 11.12 -24.59
OAC 3QE I . 12.89 12.44 -22.92
CAL 3QE I . 11.75 11.82 -25.37
CAJ 3QE I . 10.41 12.34 -24.88
OAS 3QE I . 10.22 13.69 -25.45
CAN 3QE I . 10.61 14.72 -24.57
CAY 3QE I . 10.42 16.13 -25.29
OAT 3QE I . 9.03 16.35 -25.37
CAK 3QE I . 8.63 17.63 -24.79
CAM 3QE I . 7.94 18.45 -25.86
PBB 3QE I . 6.17 19.02 -25.28
OAG 3QE I . 5.69 19.97 -26.36
OAH 3QE I . 6.39 19.69 -23.93
OAD 3QE I . 5.35 17.75 -25.17
CAO 3QE I . 10.96 15.98 -26.81
N9 3QE I . 11.75 17.21 -27.34
C4 3QE I . 13.08 17.32 -27.73
N3 3QE I . 14.11 16.40 -27.76
C2 3QE I . 15.28 16.93 -28.21
N2 3QE I . 16.36 16.02 -28.25
N1 3QE I . 15.57 18.23 -28.62
C6 3QE I . 14.52 19.09 -28.57
O6 3QE I . 14.72 20.38 -28.97
C5 3QE I . 13.24 18.71 -28.13
N7 3QE I . 12.02 19.40 -27.99
C8 3QE I . 11.13 18.45 -27.51
MG MG J . 10.75 15.53 -20.19
MG MG K . 13.90 11.81 -26.76
OAE 45T L . -8.81 -7.95 -7.60
PBA 45T L . -8.48 -7.87 -6.12
OAF 45T L . -7.84 -6.53 -5.75
OAC 45T L . -7.72 -9.08 -5.60
CAL 45T L . -10.19 -7.89 -5.20
CAJ 45T L . -11.17 -6.88 -5.76
OAS 45T L . -12.47 -7.13 -5.15
CAN 45T L . -13.44 -6.16 -5.49
CAY 45T L . -13.14 -4.84 -4.65
OAT 45T L . -14.25 -4.01 -4.86
CAK 45T L . -14.14 -2.73 -4.14
CAM 45T L . -15.23 -1.83 -4.67
PBB 45T L . -15.27 -0.13 -3.79
OAG 45T L . -15.42 -0.44 -2.31
OAH 45T L . -13.95 0.54 -4.14
OAD 45T L . -16.46 0.60 -4.39
CAO 45T L . -13.15 -5.24 -3.07
N9 45T L . -14.45 -5.92 -2.55
C4 45T L . -14.82 -7.27 -2.49
N3 45T L . -14.18 -8.42 -2.89
C2 45T L . -14.91 -9.56 -2.65
N2 45T L . -14.29 -10.77 -3.03
N1 45T L . -16.17 -9.69 -2.09
C6 45T L . -16.76 -8.53 -1.72
O6 45T L . -18.01 -8.58 -1.17
C5 45T L . -16.14 -7.26 -1.89
N7 45T L . -16.54 -5.95 -1.61
C8 45T L . -15.50 -5.15 -2.02
MG MG M . -13.81 -4.18 -9.30
OAE 45T N . -3.76 -10.16 -30.93
PBA 45T N . -2.91 -10.36 -29.69
OAF 45T N . -2.01 -9.17 -29.40
OAC 45T N . -3.70 -10.84 -28.48
CAL 45T N . -1.71 -11.82 -30.12
CAJ 45T N . -2.43 -13.10 -30.49
OAS 45T N . -1.64 -13.76 -31.53
CAN 45T N . -1.46 -15.16 -31.31
CAY 45T N . -0.40 -15.70 -32.39
OAT 45T N . -0.50 -17.10 -32.40
CAK 45T N . 0.66 -17.73 -33.06
CAM 45T N . 1.08 -18.92 -32.25
PBB 45T N . 2.93 -19.43 -32.56
OAG 45T N . 3.07 -19.56 -34.07
OAH 45T N . 3.77 -18.30 -31.97
OAD 45T N . 3.12 -20.73 -31.81
CAO 45T N . -0.87 -15.15 -33.87
N9 45T N . -1.88 -16.03 -34.65
C4 45T N . -3.26 -15.90 -34.81
N3 45T N . -4.17 -14.98 -34.35
C2 45T N . -5.46 -15.23 -34.75
N2 45T N . -6.41 -14.29 -34.29
N1 45T N . -5.96 -16.25 -35.54
C6 45T N . -5.03 -17.13 -35.98
O6 45T N . -5.44 -18.18 -36.77
C5 45T N . -3.66 -17.02 -35.65
N7 45T N . -2.53 -17.79 -35.98
C8 45T N . -1.46 -17.17 -35.36
MG MG O . -2.19 -15.31 -27.21
OAE 45T P . -9.17 -9.93 26.43
PBA 45T P . -8.60 -10.36 25.08
OAF 45T P . -7.32 -11.20 25.24
OAC 45T P . -8.46 -9.23 24.09
CAL 45T P . -9.90 -11.58 24.31
CAJ 45T P . -11.15 -10.87 23.81
OAS 45T P . -11.91 -10.43 24.98
CAN 45T P . -13.32 -10.51 24.80
CAY 45T P . -13.74 -12.05 24.87
OAT 45T P . -15.01 -12.09 25.46
CAK 45T P . -15.63 -13.43 25.39
CAM 45T P . -16.94 -13.36 26.13
PBB 45T P . -17.49 -15.10 26.80
OAG 45T P . -18.69 -14.82 27.68
OAH 45T P . -16.28 -15.65 27.54
OAD 45T P . -17.81 -15.92 25.56
CAO 45T P . -13.91 -12.59 23.33
N9 45T P . -14.96 -11.85 22.46
C4 45T P . -14.83 -10.73 21.63
N3 45T P . -13.75 -9.94 21.31
C2 45T P . -14.07 -8.93 20.44
N2 45T P . -12.99 -8.08 20.08
N1 45T P . -15.28 -8.62 19.85
C6 45T P . -16.30 -9.43 20.19
O6 45T P . -17.54 -9.18 19.64
C5 45T P . -16.16 -10.52 21.08
N7 45T P . -17.05 -11.49 21.57
C8 45T P . -16.30 -12.28 22.41
MG MG Q . -14.30 -8.92 29.12
OAE 45T R . -2.08 3.83 41.49
PBA 45T R . -1.63 4.98 42.39
OAF 45T R . -2.34 4.96 43.73
OAC 45T R . -1.65 6.34 41.70
CAL 45T R . 0.24 4.62 42.79
CAJ 45T R . 0.76 5.43 43.97
OAS 45T R . 0.99 6.80 43.49
CAN 45T R . 2.36 7.12 43.30
CAY 45T R . 2.57 8.67 43.60
OAT 45T R . 3.34 9.18 42.54
CAK 45T R . 4.68 9.58 42.99
CAM 45T R . 5.35 10.33 41.87
PBB 45T R . 7.26 10.42 42.13
OAG 45T R . 7.46 11.01 43.52
OAH 45T R . 7.78 11.30 41.00
OAD 45T R . 7.75 8.98 42.00
CAO 45T R . 1.11 9.37 43.50
N9 45T R . 1.02 10.88 43.82
C4 45T R . -0.08 11.60 44.22
N3 45T R . -1.37 11.22 44.48
C2 45T R . -2.17 12.25 44.87
N2 45T R . -3.51 11.86 45.14
N1 45T R . -1.87 13.60 45.05
C6 45T R . -0.58 13.92 44.78
O6 45T R . -0.21 15.23 44.93
C5 45T R . 0.39 12.97 44.36
N7 45T R . 1.75 13.05 44.02
C8 45T R . 2.11 11.75 43.69
MG MG S . -2.57 6.57 44.88
MG MG T . 1.33 7.45 38.71
#